data_6VPP
#
_entry.id   6VPP
#
_cell.length_a   1.00
_cell.length_b   1.00
_cell.length_c   1.00
_cell.angle_alpha   90.00
_cell.angle_beta   90.00
_cell.angle_gamma   90.00
#
_symmetry.space_group_name_H-M   'P 1'
#
loop_
_entity.id
_entity.type
_entity.pdbx_description
1 polymer 'Tubulin alpha-1A chain'
2 polymer 'Tubulin beta chain'
3 polymer 'Kinesin-like protein Klp61F'
4 non-polymer "GUANOSINE-5'-TRIPHOSPHATE"
5 non-polymer 'MAGNESIUM ION'
6 non-polymer "GUANOSINE-5'-DIPHOSPHATE"
#
loop_
_entity_poly.entity_id
_entity_poly.type
_entity_poly.pdbx_seq_one_letter_code
_entity_poly.pdbx_strand_id
1 'polypeptide(L)'
;MRECISIHVGQAGVQIGNACWELYCLEHGIQPDGQMPSDKTIGGGDDSFNTFFSETGAGKHVPRAVFVDLEPTVIDEVRT
GTYRQLFHPEQLITGKEDAANNYARGHYTIGKEIIDLVLDRIRKLADQCTGLQGFSVFHSFGGGTGSGFTSLLMERLSVD
YGKKSKLEFSIYPAPQVSTAVVEPYNSILTTHTTLEHSDCAFMVDNEAIYDICRRNLDIERPTYTNLNRLIGQIVSSITA
SLRFDGALNVDLTEFQTNLVPYPRAHFPLATYAPVISAEKAYHEQLSVAEITNACFEPANQMVKCDPRHGKYMACCLLYR
GDVVPKDVNAAIATIKTKRTIQFVDWCPTGFKVGINYEPPTVVPGGDLAKVQRAVCMLSNTTAIAEAWARLDHKFDLMYA
KRAFVHWYVGEGMEEGEFSEAREDMAALEKDYEEVGVDSVEGEGEEEGEEY
;
A
2 'polypeptide(L)'
;MREIVHIQAGQCGNQIGAKFWEVISDEHGIDPTGSYHGDSDLQLERINVYYNEAAGNKYVPRAILVDLEPGTMDSVRSGP
FGQIFRPDNFVFGQSGAGNNWAKGHYTEGAELVDSVLDVVRKESESCDCLQGFQLTHSLGGGTGSGMGTLLISKIREEYP
DRIMNTFSVVPSPKVSDTVVEPYNATLSVHQLVENTDETYCIDNEALYDICFRTLKLTTPTYGDLNHLVSATMSGVTTCL
RFPGQLNADLRKLAVNMVPFPRLHFFMPGFAPLTSRGSQQYRALTVPELTQQMFDAKNMMAACDPRHGRYLTVAAVFRGR
MSMKEVDEQMLNVQNKNSSYFVEWIPNNVKTAVCDIPPRGLKMSATFIGNSTAIQELFKRISEQFTAMFRRKAFLHWYTG
EGMDEMEFTEAESNMNDLVSEYQQYQDATADEQGEFEEEGEEDEA
;
B
3 'polypeptide(L)'
;MDISGGNTSRQPQKKSNQNIQVYVRVRPLNSRERCIRSAEVVDVVGPREVVTRHTLDSKLTKKFTFDRSFGPESKQCDVY
SVVVSPLIEEVLNGYNCTVFAYGQTGTGKTHTMVGNETAELKSSWEDDSDIGIIPRALSHLFDELRMMEVEYTMRISYLE
LYNEELCDLLSTDDTTKIRIFDDSTKKGSVIIQGLEEIPVHSKDDVYKLLEKGKERRKTATTLMNAQSSRSHTVFSIVVH
IRENGIEGEDMLKIGKLNLVDLAGSENVSKAGNEKGIRVRETVNINQSLLTLGRVITALVDRAPHVPYRESKLTRLLQES
LGGRTKTSIIATISPGHKDIEETLSTLEYAHRAKNIQNKPEVNQKLTKKLEHHHHHH
;
C
#
loop_
_chem_comp.id
_chem_comp.type
_chem_comp.name
_chem_comp.formula
GDP RNA linking GUANOSINE-5'-DIPHOSPHATE 'C10 H15 N5 O11 P2'
GTP non-polymer GUANOSINE-5'-TRIPHOSPHATE 'C10 H16 N5 O14 P3'
MG non-polymer 'MAGNESIUM ION' 'Mg 2'
#
# COMPACT_ATOMS: atom_id res chain seq x y z
N ARG A 2 -23.14 15.85 30.38
CA ARG A 2 -22.56 14.70 31.07
C ARG A 2 -22.59 13.49 30.14
N GLU A 3 -22.28 13.68 28.87
CA GLU A 3 -22.41 12.62 27.89
C GLU A 3 -21.19 12.58 26.98
N CYS A 4 -21.00 11.46 26.30
CA CYS A 4 -19.84 11.22 25.47
C CYS A 4 -20.22 10.34 24.29
N ILE A 5 -19.51 10.51 23.17
CA ILE A 5 -19.82 9.86 21.92
C ILE A 5 -18.76 8.80 21.64
N SER A 6 -19.08 7.85 20.78
CA SER A 6 -18.19 6.71 20.50
C SER A 6 -18.18 6.42 19.01
N ILE A 7 -17.06 6.68 18.36
CA ILE A 7 -16.88 6.34 16.96
C ILE A 7 -16.05 5.08 16.87
N HIS A 8 -16.36 4.22 15.91
CA HIS A 8 -15.60 3.00 15.68
C HIS A 8 -15.28 2.94 14.20
N VAL A 9 -14.01 2.82 13.88
CA VAL A 9 -13.53 2.84 12.51
C VAL A 9 -12.47 1.75 12.38
N GLY A 10 -12.17 1.35 11.15
CA GLY A 10 -11.27 0.24 10.92
C GLY A 10 -11.96 -1.08 11.16
N GLN A 11 -11.33 -2.19 10.77
CA GLN A 11 -11.91 -3.47 11.13
C GLN A 11 -11.63 -3.78 12.59
N ALA A 12 -10.57 -3.20 13.13
CA ALA A 12 -10.17 -3.46 14.51
C ALA A 12 -11.13 -2.81 15.50
N GLY A 13 -11.24 -1.49 15.44
CA GLY A 13 -11.99 -0.76 16.47
C GLY A 13 -13.48 -0.97 16.38
N VAL A 14 -13.97 -1.36 15.20
CA VAL A 14 -15.37 -1.72 15.05
C VAL A 14 -15.64 -3.05 15.75
N GLN A 15 -14.76 -4.03 15.54
CA GLN A 15 -14.93 -5.33 16.16
C GLN A 15 -14.71 -5.26 17.66
N ILE A 16 -13.90 -4.30 18.11
CA ILE A 16 -13.86 -3.99 19.53
C ILE A 16 -15.19 -3.43 19.99
N GLY A 17 -15.79 -2.56 19.17
CA GLY A 17 -17.03 -1.92 19.54
C GLY A 17 -18.21 -2.86 19.59
N ASN A 18 -18.08 -4.02 18.94
CA ASN A 18 -19.02 -5.12 19.18
C ASN A 18 -18.97 -5.57 20.63
N ALA A 19 -17.77 -5.57 21.21
CA ALA A 19 -17.62 -6.05 22.58
C ALA A 19 -17.86 -4.93 23.60
N CYS A 20 -17.65 -3.67 23.23
CA CYS A 20 -17.92 -2.57 24.16
C CYS A 20 -19.41 -2.48 24.46
N TRP A 21 -20.24 -2.39 23.42
CA TRP A 21 -21.67 -2.28 23.63
C TRP A 21 -22.27 -3.60 24.09
N GLU A 22 -21.54 -4.70 23.95
CA GLU A 22 -21.90 -5.95 24.61
C GLU A 22 -21.88 -5.83 26.12
N LEU A 23 -21.00 -4.99 26.67
CA LEU A 23 -20.98 -4.78 28.12
C LEU A 23 -22.09 -3.84 28.56
N TYR A 24 -22.28 -2.74 27.83
CA TYR A 24 -23.15 -1.68 28.33
C TYR A 24 -24.62 -2.09 28.30
N CYS A 25 -25.01 -2.95 27.36
CA CYS A 25 -26.35 -3.52 27.46
C CYS A 25 -26.46 -4.46 28.64
N LEU A 26 -25.40 -5.21 28.94
CA LEU A 26 -25.35 -6.02 30.14
C LEU A 26 -25.09 -5.22 31.39
N GLU A 27 -24.75 -3.93 31.27
CA GLU A 27 -24.55 -3.12 32.45
C GLU A 27 -25.85 -2.83 33.18
N HIS A 28 -26.96 -2.72 32.46
CA HIS A 28 -28.19 -2.27 33.09
C HIS A 28 -29.38 -3.17 32.78
N GLY A 29 -29.18 -4.37 32.27
CA GLY A 29 -30.29 -5.22 31.89
C GLY A 29 -30.94 -4.77 30.60
N ILE A 30 -30.20 -4.02 29.80
CA ILE A 30 -30.71 -3.53 28.52
C ILE A 30 -30.64 -4.65 27.51
N GLN A 31 -31.73 -4.89 26.84
CA GLN A 31 -31.80 -5.90 25.79
C GLN A 31 -31.12 -5.38 24.53
N PRO A 32 -30.87 -6.26 23.53
CA PRO A 32 -30.51 -5.77 22.20
C PRO A 32 -31.60 -4.95 21.52
N ASP A 33 -32.83 -5.03 22.03
CA ASP A 33 -33.90 -4.13 21.62
C ASP A 33 -33.59 -2.68 21.96
N GLY A 34 -33.32 -2.41 23.23
CA GLY A 34 -33.11 -1.05 23.70
C GLY A 34 -33.94 -0.70 24.93
N GLN A 35 -34.74 -1.61 25.46
CA GLN A 35 -35.52 -1.35 26.65
C GLN A 35 -35.05 -2.22 27.80
N MET A 36 -35.23 -1.73 29.02
CA MET A 36 -35.00 -2.54 30.20
C MET A 36 -36.31 -3.20 30.62
N PRO A 37 -36.32 -4.52 30.83
CA PRO A 37 -37.51 -5.16 31.42
C PRO A 37 -37.65 -4.73 32.87
N SER A 38 -38.70 -3.95 33.14
CA SER A 38 -38.99 -3.31 34.43
C SER A 38 -37.82 -2.50 34.96
N PHE A 49 -29.44 7.31 34.70
CA PHE A 49 -28.61 6.79 33.62
C PHE A 49 -28.99 7.40 32.28
N ASN A 50 -28.24 8.42 31.86
CA ASN A 50 -28.41 9.05 30.56
C ASN A 50 -27.05 9.46 30.01
N THR A 51 -26.08 8.56 30.02
CA THR A 51 -24.73 8.97 29.67
C THR A 51 -24.28 8.56 28.29
N PHE A 52 -24.44 7.29 27.92
CA PHE A 52 -24.05 6.81 26.61
C PHE A 52 -25.21 6.43 25.72
N PHE A 53 -26.42 6.86 26.04
CA PHE A 53 -27.58 6.45 25.27
C PHE A 53 -28.51 7.63 25.04
N SER A 54 -29.54 7.39 24.25
CA SER A 54 -30.66 8.31 24.09
C SER A 54 -31.93 7.49 24.18
N GLU A 55 -32.71 7.69 25.22
CA GLU A 55 -33.93 6.92 25.36
C GLU A 55 -35.05 7.53 24.54
N THR A 56 -35.72 6.68 23.76
CA THR A 56 -36.88 7.08 22.99
C THR A 56 -38.11 7.10 23.89
N GLY A 57 -39.19 7.66 23.35
CA GLY A 57 -40.46 7.64 24.05
C GLY A 57 -41.05 6.25 24.21
N ALA A 58 -40.69 5.34 23.31
CA ALA A 58 -41.13 3.95 23.40
C ALA A 58 -40.27 3.12 24.35
N GLY A 59 -39.33 3.74 25.06
CA GLY A 59 -38.48 3.00 25.97
C GLY A 59 -37.26 2.38 25.34
N LYS A 60 -37.12 2.47 24.02
CA LYS A 60 -35.90 2.06 23.34
C LYS A 60 -34.77 2.99 23.75
N HIS A 61 -33.58 2.45 23.92
CA HIS A 61 -32.39 3.25 24.14
C HIS A 61 -31.46 3.03 22.97
N VAL A 62 -31.23 4.08 22.20
CA VAL A 62 -30.32 3.98 21.07
C VAL A 62 -28.93 4.36 21.60
N PRO A 63 -27.89 3.64 21.22
CA PRO A 63 -26.55 4.02 21.68
C PRO A 63 -26.05 5.30 21.05
N ARG A 64 -25.04 5.90 21.68
CA ARG A 64 -24.33 7.02 21.11
C ARG A 64 -23.10 6.44 20.42
N ALA A 65 -23.35 5.68 19.36
CA ALA A 65 -22.32 4.97 18.63
C ALA A 65 -22.56 5.16 17.14
N VAL A 66 -21.48 5.45 16.41
CA VAL A 66 -21.51 5.40 14.97
C VAL A 66 -20.43 4.44 14.50
N PHE A 67 -20.80 3.54 13.59
CA PHE A 67 -19.87 2.56 13.06
C PHE A 67 -19.63 2.84 11.59
N VAL A 68 -18.41 3.22 11.25
CA VAL A 68 -18.07 3.60 9.89
C VAL A 68 -16.88 2.76 9.42
N ASP A 69 -16.97 2.25 8.19
CA ASP A 69 -15.88 1.51 7.56
C ASP A 69 -15.99 1.66 6.05
N LEU A 70 -14.86 1.48 5.37
CA LEU A 70 -14.82 1.47 3.92
C LEU A 70 -15.23 0.10 3.42
N GLU A 71 -14.85 -0.96 4.15
CA GLU A 71 -15.28 -2.31 3.83
C GLU A 71 -16.74 -2.46 4.23
N PRO A 72 -17.56 -3.09 3.42
CA PRO A 72 -18.96 -3.29 3.81
C PRO A 72 -19.19 -4.61 4.51
N THR A 73 -18.11 -5.30 4.86
CA THR A 73 -18.25 -6.66 5.38
C THR A 73 -18.69 -6.65 6.84
N VAL A 74 -17.91 -6.00 7.70
CA VAL A 74 -18.08 -6.16 9.14
C VAL A 74 -19.30 -5.40 9.64
N ILE A 75 -19.73 -4.39 8.87
CA ILE A 75 -20.92 -3.63 9.23
C ILE A 75 -22.16 -4.50 9.08
N ASP A 76 -22.17 -5.33 8.04
CA ASP A 76 -23.30 -6.23 7.82
C ASP A 76 -23.33 -7.34 8.85
N GLU A 77 -22.18 -7.67 9.45
CA GLU A 77 -22.18 -8.61 10.55
C GLU A 77 -22.91 -8.06 11.75
N VAL A 78 -22.85 -6.75 11.96
CA VAL A 78 -23.64 -6.13 13.01
C VAL A 78 -25.11 -6.08 12.63
N ARG A 79 -25.42 -5.52 11.47
CA ARG A 79 -26.83 -5.29 11.14
C ARG A 79 -27.53 -6.50 10.56
N THR A 80 -26.92 -7.68 10.60
CA THR A 80 -27.64 -8.92 10.38
C THR A 80 -27.52 -9.87 11.56
N GLY A 81 -26.46 -9.77 12.35
CA GLY A 81 -26.32 -10.53 13.57
C GLY A 81 -27.13 -9.92 14.71
N THR A 82 -26.61 -10.12 15.91
CA THR A 82 -27.25 -9.52 17.08
C THR A 82 -26.98 -8.02 17.11
N TYR A 83 -27.68 -7.35 18.02
CA TYR A 83 -27.62 -5.92 18.30
C TYR A 83 -28.01 -5.03 17.12
N ARG A 84 -28.62 -5.60 16.07
CA ARG A 84 -29.10 -4.78 14.98
C ARG A 84 -30.38 -4.04 15.34
N GLN A 85 -31.11 -4.50 16.34
CA GLN A 85 -32.23 -3.75 16.89
C GLN A 85 -31.79 -2.65 17.83
N LEU A 86 -30.51 -2.56 18.12
CA LEU A 86 -30.02 -1.59 19.10
C LEU A 86 -29.62 -0.27 18.48
N PHE A 87 -28.65 -0.26 17.57
CA PHE A 87 -28.18 0.95 16.93
C PHE A 87 -29.24 1.44 15.94
N HIS A 88 -29.27 2.74 15.73
CA HIS A 88 -30.17 3.15 14.69
C HIS A 88 -29.48 2.97 13.35
N PRO A 89 -30.20 2.52 12.32
CA PRO A 89 -29.54 2.19 11.05
C PRO A 89 -29.00 3.39 10.29
N GLU A 90 -29.36 4.61 10.68
CA GLU A 90 -28.74 5.79 10.08
C GLU A 90 -27.30 5.95 10.56
N GLN A 91 -26.96 5.36 11.70
CA GLN A 91 -25.62 5.44 12.25
C GLN A 91 -24.65 4.48 11.60
N LEU A 92 -25.12 3.36 11.08
CA LEU A 92 -24.23 2.33 10.54
C LEU A 92 -23.77 2.74 9.14
N ILE A 93 -22.81 3.66 9.14
CA ILE A 93 -22.28 4.20 7.90
C ILE A 93 -21.41 3.16 7.23
N THR A 94 -21.58 2.99 5.92
CA THR A 94 -20.95 1.89 5.22
C THR A 94 -20.41 2.37 3.88
N GLY A 95 -19.14 2.08 3.61
CA GLY A 95 -18.55 2.30 2.32
C GLY A 95 -18.88 1.19 1.35
N LYS A 96 -18.21 1.20 0.21
CA LYS A 96 -18.45 0.15 -0.78
C LYS A 96 -17.14 -0.54 -1.15
N GLU A 97 -16.05 0.22 -1.18
CA GLU A 97 -14.75 -0.28 -1.57
C GLU A 97 -13.80 -0.19 -0.38
N ASP A 98 -12.88 -1.14 -0.30
CA ASP A 98 -11.94 -1.29 0.81
C ASP A 98 -10.99 -0.10 0.95
N ALA A 99 -10.31 -0.02 2.10
CA ALA A 99 -9.23 0.92 2.29
C ALA A 99 -7.97 0.53 1.54
N ALA A 100 -7.85 -0.74 1.16
CA ALA A 100 -6.69 -1.36 0.52
C ALA A 100 -5.41 -1.20 1.33
N ASN A 101 -5.51 -1.02 2.66
CA ASN A 101 -4.39 -0.81 3.57
C ASN A 101 -3.47 0.33 3.14
N ASN A 102 -4.06 1.34 2.52
CA ASN A 102 -3.33 2.53 2.11
C ASN A 102 -3.78 3.71 2.97
N TYR A 103 -2.79 4.40 3.54
CA TYR A 103 -3.08 5.64 4.24
C TYR A 103 -3.64 6.68 3.28
N ALA A 104 -3.11 6.72 2.05
CA ALA A 104 -3.54 7.73 1.09
C ALA A 104 -4.98 7.48 0.64
N ARG A 105 -5.41 6.22 0.67
CA ARG A 105 -6.81 5.91 0.40
C ARG A 105 -7.72 6.39 1.51
N GLY A 106 -7.39 6.03 2.76
CA GLY A 106 -8.25 6.39 3.87
C GLY A 106 -8.20 7.87 4.20
N HIS A 107 -6.99 8.44 4.24
CA HIS A 107 -6.86 9.85 4.55
C HIS A 107 -7.34 10.76 3.44
N TYR A 108 -7.00 10.46 2.20
CA TYR A 108 -7.47 11.36 1.14
C TYR A 108 -8.46 10.72 0.20
N THR A 109 -8.06 9.61 -0.43
CA THR A 109 -8.62 9.25 -1.74
C THR A 109 -10.04 8.73 -1.64
N ILE A 110 -10.28 7.79 -0.73
CA ILE A 110 -11.60 7.20 -0.61
C ILE A 110 -12.41 7.89 0.47
N GLY A 111 -11.80 8.14 1.63
CA GLY A 111 -12.56 8.54 2.80
C GLY A 111 -13.10 9.95 2.75
N LYS A 112 -12.61 10.76 1.81
CA LYS A 112 -13.18 12.09 1.60
C LYS A 112 -14.62 12.04 1.14
N GLU A 113 -14.99 11.02 0.36
CA GLU A 113 -16.32 10.96 -0.23
C GLU A 113 -17.35 10.36 0.72
N ILE A 114 -16.93 9.98 1.92
CA ILE A 114 -17.86 9.50 2.93
C ILE A 114 -17.91 10.42 4.16
N ILE A 115 -16.82 11.12 4.47
CA ILE A 115 -16.66 11.80 5.75
C ILE A 115 -17.66 12.94 5.90
N ASP A 116 -18.11 13.50 4.79
CA ASP A 116 -19.13 14.54 4.83
C ASP A 116 -20.46 14.00 5.33
N LEU A 117 -20.76 12.74 4.99
CA LEU A 117 -21.89 12.08 5.62
C LEU A 117 -21.59 11.75 7.07
N VAL A 118 -20.32 11.42 7.36
CA VAL A 118 -19.96 10.97 8.71
C VAL A 118 -20.00 12.12 9.70
N LEU A 119 -19.48 13.28 9.29
CA LEU A 119 -19.33 14.41 10.21
C LEU A 119 -20.68 14.97 10.63
N ASP A 120 -21.70 14.82 9.79
CA ASP A 120 -23.02 15.35 10.11
C ASP A 120 -23.68 14.52 11.19
N ARG A 121 -23.45 13.20 11.19
CA ARG A 121 -24.03 12.34 12.21
C ARG A 121 -23.44 12.65 13.59
N ILE A 122 -22.14 12.92 13.64
CA ILE A 122 -21.53 13.44 14.86
C ILE A 122 -22.12 14.79 15.19
N ARG A 123 -22.32 15.64 14.19
CA ARG A 123 -22.92 16.94 14.41
C ARG A 123 -24.39 16.81 14.78
N LYS A 124 -25.06 15.77 14.28
CA LYS A 124 -26.44 15.54 14.65
C LYS A 124 -26.55 15.06 16.09
N LEU A 125 -25.67 14.14 16.48
CA LEU A 125 -25.77 13.56 17.81
C LEU A 125 -25.28 14.53 18.88
N ALA A 126 -24.32 15.40 18.53
CA ALA A 126 -23.86 16.40 19.48
C ALA A 126 -24.94 17.46 19.72
N ASP A 127 -25.76 17.72 18.71
CA ASP A 127 -26.94 18.54 18.92
C ASP A 127 -27.97 17.85 19.80
N GLN A 128 -28.08 16.53 19.70
CA GLN A 128 -28.95 15.79 20.61
C GLN A 128 -28.37 15.69 22.01
N CYS A 129 -27.06 15.86 22.15
CA CYS A 129 -26.44 15.83 23.46
C CYS A 129 -26.44 17.22 24.08
N THR A 130 -26.28 17.25 25.40
CA THR A 130 -26.14 18.49 26.17
C THR A 130 -25.10 18.24 27.25
N GLY A 131 -24.10 19.11 27.30
CA GLY A 131 -23.00 18.90 28.23
C GLY A 131 -22.09 17.82 27.73
N LEU A 132 -21.56 18.00 26.52
CA LEU A 132 -20.71 16.99 25.92
C LEU A 132 -19.34 16.97 26.57
N GLN A 133 -18.93 15.79 27.01
CA GLN A 133 -17.62 15.61 27.62
C GLN A 133 -16.52 15.38 26.59
N GLY A 134 -16.88 15.21 25.34
CA GLY A 134 -15.95 14.82 24.31
C GLY A 134 -16.35 13.47 23.73
N PHE A 135 -15.40 12.82 23.07
CA PHE A 135 -15.71 11.53 22.48
C PHE A 135 -14.46 10.67 22.39
N SER A 136 -14.69 9.36 22.32
CA SER A 136 -13.62 8.36 22.26
C SER A 136 -13.79 7.55 20.98
N VAL A 137 -12.71 7.43 20.21
CA VAL A 137 -12.71 6.73 18.94
C VAL A 137 -11.96 5.42 19.11
N PHE A 138 -12.13 4.51 18.15
CA PHE A 138 -11.56 3.17 18.22
C PHE A 138 -10.97 2.80 16.88
N HIS A 139 -9.67 2.55 16.85
CA HIS A 139 -8.94 2.33 15.60
C HIS A 139 -7.66 1.57 15.92
N SER A 140 -6.76 1.49 14.95
CA SER A 140 -5.48 0.81 15.08
C SER A 140 -4.36 1.73 14.61
N PHE A 141 -3.18 1.16 14.42
CA PHE A 141 -2.11 1.93 13.81
C PHE A 141 -1.64 1.33 12.50
N GLY A 142 -1.68 0.01 12.37
CA GLY A 142 -1.19 -0.62 11.16
C GLY A 142 -2.24 -0.80 10.10
N GLY A 143 -3.33 -0.06 10.18
CA GLY A 143 -4.48 -0.27 9.33
C GLY A 143 -4.56 0.66 8.14
N GLY A 144 -5.59 0.46 7.33
CA GLY A 144 -5.87 1.37 6.24
C GLY A 144 -7.03 2.29 6.54
N THR A 145 -8.14 1.74 7.04
CA THR A 145 -9.24 2.59 7.49
C THR A 145 -8.95 3.20 8.84
N GLY A 146 -8.49 2.38 9.78
CA GLY A 146 -8.21 2.83 11.13
C GLY A 146 -6.90 3.56 11.30
N SER A 147 -6.25 3.94 10.21
CA SER A 147 -5.12 4.85 10.29
C SER A 147 -5.30 6.00 9.32
N GLY A 148 -5.86 5.71 8.15
CA GLY A 148 -6.04 6.74 7.16
C GLY A 148 -7.23 7.60 7.47
N PHE A 149 -8.40 6.97 7.57
CA PHE A 149 -9.64 7.71 7.69
C PHE A 149 -9.76 8.37 9.05
N THR A 150 -9.23 7.73 10.10
CA THR A 150 -9.29 8.34 11.42
C THR A 150 -8.32 9.52 11.53
N SER A 151 -7.28 9.53 10.69
CA SER A 151 -6.43 10.72 10.61
C SER A 151 -7.20 11.87 10.00
N LEU A 152 -7.97 11.60 8.94
CA LEU A 152 -8.83 12.61 8.35
C LEU A 152 -9.97 12.96 9.29
N LEU A 153 -10.36 12.04 10.16
CA LEU A 153 -11.54 12.25 11.00
C LEU A 153 -11.25 13.22 12.13
N MET A 154 -10.10 13.06 12.81
CA MET A 154 -9.82 13.92 13.95
C MET A 154 -9.29 15.28 13.52
N GLU A 155 -9.11 15.49 12.22
CA GLU A 155 -8.78 16.83 11.74
C GLU A 155 -9.96 17.77 11.87
N ARG A 156 -11.11 17.39 11.33
CA ARG A 156 -12.28 18.26 11.35
C ARG A 156 -12.84 18.40 12.77
N LEU A 157 -12.71 17.34 13.57
CA LEU A 157 -13.21 17.38 14.94
C LEU A 157 -12.41 18.35 15.79
N SER A 158 -11.09 18.43 15.55
CA SER A 158 -10.28 19.42 16.23
C SER A 158 -10.61 20.85 15.81
N VAL A 159 -11.10 21.05 14.59
CA VAL A 159 -11.56 22.35 14.15
C VAL A 159 -12.90 22.71 14.77
N ASP A 160 -13.91 21.86 14.57
CA ASP A 160 -15.26 22.23 14.96
C ASP A 160 -15.46 22.12 16.46
N TYR A 161 -14.82 21.14 17.08
CA TYR A 161 -14.92 20.95 18.51
C TYR A 161 -13.51 21.13 19.06
N GLY A 162 -13.13 22.38 19.29
CA GLY A 162 -11.78 22.66 19.71
C GLY A 162 -11.58 22.47 21.20
N LYS A 163 -12.69 22.35 21.93
CA LYS A 163 -12.67 22.34 23.38
C LYS A 163 -13.05 20.99 23.97
N LYS A 164 -13.16 19.95 23.15
CA LYS A 164 -13.68 18.67 23.59
C LYS A 164 -12.56 17.65 23.73
N SER A 165 -12.77 16.70 24.64
CA SER A 165 -11.78 15.67 24.91
C SER A 165 -11.81 14.59 23.85
N LYS A 166 -10.67 14.35 23.21
CA LYS A 166 -10.54 13.35 22.15
C LYS A 166 -9.72 12.18 22.69
N LEU A 167 -10.37 11.03 22.82
CA LEU A 167 -9.72 9.83 23.30
C LEU A 167 -9.62 8.80 22.18
N GLU A 168 -8.49 8.10 22.15
CA GLU A 168 -8.19 7.21 21.03
C GLU A 168 -7.72 5.88 21.59
N PHE A 169 -8.51 4.84 21.37
CA PHE A 169 -8.14 3.51 21.81
C PHE A 169 -7.50 2.77 20.63
N SER A 170 -6.29 3.19 20.30
CA SER A 170 -5.60 2.64 19.15
C SER A 170 -4.95 1.31 19.50
N ILE A 171 -4.69 0.51 18.48
CA ILE A 171 -3.99 -0.75 18.63
C ILE A 171 -2.56 -0.53 18.16
N TYR A 172 -1.61 -0.74 19.06
CA TYR A 172 -0.22 -0.51 18.74
C TYR A 172 0.31 -1.64 17.87
N PRO A 173 1.16 -1.37 16.89
CA PRO A 173 1.76 -2.47 16.12
C PRO A 173 2.79 -3.21 16.95
N ALA A 174 2.58 -4.51 17.09
CA ALA A 174 3.42 -5.32 17.95
C ALA A 174 4.79 -5.52 17.29
N PRO A 175 5.86 -5.76 18.07
CA PRO A 175 7.19 -5.90 17.46
C PRO A 175 7.36 -7.14 16.59
N GLN A 176 6.99 -8.31 17.09
CA GLN A 176 7.23 -9.54 16.35
C GLN A 176 6.01 -9.99 15.55
N VAL A 177 4.89 -10.21 16.24
CA VAL A 177 3.64 -10.57 15.58
C VAL A 177 3.08 -9.35 14.87
N SER A 178 3.05 -9.39 13.54
CA SER A 178 2.38 -8.34 12.79
C SER A 178 1.69 -8.97 11.60
N THR A 179 0.56 -8.40 11.20
CA THR A 179 -0.35 -9.03 10.27
C THR A 179 -0.28 -8.43 8.87
N ALA A 180 0.49 -7.37 8.68
CA ALA A 180 0.62 -6.75 7.37
C ALA A 180 2.03 -6.19 7.26
N VAL A 181 2.58 -6.20 6.04
CA VAL A 181 3.95 -5.75 5.87
C VAL A 181 4.04 -4.23 5.91
N VAL A 182 2.91 -3.53 5.74
CA VAL A 182 2.94 -2.08 5.61
C VAL A 182 2.57 -1.39 6.92
N GLU A 183 2.47 -2.16 8.01
CA GLU A 183 2.14 -1.61 9.33
C GLU A 183 3.11 -0.54 9.86
N PRO A 184 4.44 -0.66 9.75
CA PRO A 184 5.28 0.47 10.18
C PRO A 184 5.19 1.65 9.23
N TYR A 185 4.80 1.43 7.99
CA TYR A 185 4.64 2.52 7.05
C TYR A 185 3.45 3.40 7.37
N ASN A 186 2.44 2.87 8.03
CA ASN A 186 1.23 3.64 8.31
C ASN A 186 1.23 4.23 9.71
N SER A 187 2.04 3.69 10.62
CA SER A 187 2.09 4.21 11.97
C SER A 187 2.72 5.59 12.01
N ILE A 188 3.78 5.79 11.22
CA ILE A 188 4.46 7.08 11.18
C ILE A 188 3.56 8.13 10.53
N LEU A 189 2.74 7.71 9.57
CA LEU A 189 1.75 8.61 9.00
C LEU A 189 0.64 8.92 9.99
N THR A 190 0.29 7.95 10.83
CA THR A 190 -0.82 8.13 11.76
C THR A 190 -0.43 9.08 12.90
N THR A 191 0.80 8.97 13.38
CA THR A 191 1.20 9.68 14.59
C THR A 191 1.36 11.17 14.35
N HIS A 192 1.63 11.58 13.11
CA HIS A 192 1.76 13.00 12.82
C HIS A 192 0.41 13.69 12.93
N THR A 193 -0.62 13.01 12.41
CA THR A 193 -1.98 13.52 12.56
C THR A 193 -2.45 13.40 14.00
N THR A 194 -1.93 12.40 14.72
CA THR A 194 -2.36 12.16 16.09
C THR A 194 -1.78 13.18 17.04
N LEU A 195 -0.47 13.44 16.93
CA LEU A 195 0.27 14.24 17.91
C LEU A 195 -0.21 15.68 17.96
N GLU A 196 -0.73 16.18 16.85
CA GLU A 196 -1.14 17.58 16.81
C GLU A 196 -2.47 17.82 17.48
N HIS A 197 -3.39 16.86 17.49
CA HIS A 197 -4.76 17.11 17.87
C HIS A 197 -5.31 16.17 18.94
N SER A 198 -4.79 14.97 19.06
CA SER A 198 -5.32 14.02 20.02
C SER A 198 -4.89 14.39 21.43
N ASP A 199 -5.86 14.38 22.33
CA ASP A 199 -5.65 14.82 23.71
C ASP A 199 -5.13 13.72 24.61
N CYS A 200 -5.55 12.48 24.39
CA CYS A 200 -5.04 11.33 25.13
C CYS A 200 -5.33 10.05 24.34
N ALA A 201 -4.29 9.41 23.84
CA ALA A 201 -4.45 8.27 22.93
C ALA A 201 -3.84 7.03 23.58
N PHE A 202 -4.64 5.99 23.72
CA PHE A 202 -4.17 4.73 24.27
C PHE A 202 -3.75 3.79 23.16
N MET A 203 -2.65 3.09 23.39
CA MET A 203 -2.18 2.06 22.49
C MET A 203 -2.37 0.70 23.15
N VAL A 204 -2.51 -0.34 22.32
CA VAL A 204 -2.70 -1.70 22.80
C VAL A 204 -1.88 -2.60 21.89
N ASP A 205 -1.00 -3.40 22.48
CA ASP A 205 -0.18 -4.36 21.76
C ASP A 205 -0.86 -5.72 21.88
N ASN A 206 -1.03 -6.41 20.75
CA ASN A 206 -1.83 -7.63 20.73
C ASN A 206 -1.08 -8.80 21.35
N GLU A 207 0.25 -8.74 21.36
CA GLU A 207 1.04 -9.85 21.89
C GLU A 207 0.86 -9.99 23.39
N ALA A 208 0.71 -8.88 24.09
CA ALA A 208 0.53 -8.95 25.53
C ALA A 208 -0.89 -9.37 25.88
N ILE A 209 -1.84 -9.14 24.98
CA ILE A 209 -3.18 -9.68 25.18
C ILE A 209 -3.15 -11.19 25.06
N TYR A 210 -2.29 -11.71 24.19
CA TYR A 210 -2.01 -13.14 24.18
C TYR A 210 -1.29 -13.53 25.47
N ASP A 211 -0.31 -12.72 25.89
CA ASP A 211 0.57 -13.11 26.97
C ASP A 211 -0.16 -13.16 28.31
N ILE A 212 -1.08 -12.22 28.53
CA ILE A 212 -1.87 -12.26 29.75
C ILE A 212 -2.85 -13.42 29.70
N CYS A 213 -3.43 -13.69 28.53
CA CYS A 213 -4.46 -14.72 28.46
C CYS A 213 -3.87 -16.12 28.45
N ARG A 214 -2.65 -16.30 27.92
CA ARG A 214 -2.07 -17.64 27.91
C ARG A 214 -1.41 -17.98 29.24
N ARG A 215 -1.27 -17.02 30.14
CA ARG A 215 -0.64 -17.30 31.42
C ARG A 215 -1.59 -17.10 32.60
N ASN A 216 -2.29 -15.96 32.62
CA ASN A 216 -3.15 -15.66 33.76
C ASN A 216 -4.57 -16.16 33.53
N LEU A 217 -5.01 -16.17 32.28
CA LEU A 217 -6.32 -16.73 31.96
C LEU A 217 -6.23 -18.18 31.52
N ASP A 218 -5.03 -18.69 31.27
CA ASP A 218 -4.75 -20.09 30.95
C ASP A 218 -5.49 -20.55 29.69
N ILE A 219 -5.62 -19.64 28.73
CA ILE A 219 -6.29 -19.93 27.48
C ILE A 219 -5.24 -19.91 26.38
N GLU A 220 -5.00 -21.09 25.80
CA GLU A 220 -4.06 -21.21 24.69
C GLU A 220 -4.72 -20.99 23.34
N ARG A 221 -6.02 -20.75 23.30
CA ARG A 221 -6.73 -20.43 22.06
C ARG A 221 -7.46 -19.11 22.19
N PRO A 222 -6.76 -17.98 22.05
CA PRO A 222 -7.47 -16.71 22.01
C PRO A 222 -7.86 -16.32 20.59
N THR A 223 -9.10 -15.89 20.45
CA THR A 223 -9.59 -15.30 19.22
C THR A 223 -9.71 -13.81 19.42
N TYR A 224 -10.14 -13.13 18.37
CA TYR A 224 -10.35 -11.68 18.45
C TYR A 224 -11.52 -11.34 19.36
N THR A 225 -12.46 -12.28 19.52
CA THR A 225 -13.52 -12.10 20.51
C THR A 225 -12.94 -12.13 21.92
N ASN A 226 -12.04 -13.06 22.18
CA ASN A 226 -11.52 -13.24 23.53
C ASN A 226 -10.58 -12.12 23.93
N LEU A 227 -9.93 -11.49 22.95
CA LEU A 227 -9.08 -10.35 23.27
C LEU A 227 -9.92 -9.13 23.63
N ASN A 228 -11.00 -8.89 22.89
CA ASN A 228 -11.71 -7.64 23.02
C ASN A 228 -12.60 -7.62 24.27
N ARG A 229 -12.87 -8.78 24.87
CA ARG A 229 -13.56 -8.80 26.15
C ARG A 229 -12.70 -8.18 27.24
N LEU A 230 -11.39 -8.40 27.17
CA LEU A 230 -10.48 -7.70 28.07
C LEU A 230 -10.44 -6.21 27.73
N ILE A 231 -10.38 -5.89 26.44
CA ILE A 231 -10.27 -4.49 26.01
C ILE A 231 -11.57 -3.76 26.33
N GLY A 232 -12.70 -4.43 26.11
CA GLY A 232 -13.97 -3.82 26.44
C GLY A 232 -14.18 -3.65 27.94
N GLN A 233 -13.52 -4.51 28.74
CA GLN A 233 -13.65 -4.39 30.18
C GLN A 233 -12.90 -3.18 30.71
N ILE A 234 -11.84 -2.77 30.03
CA ILE A 234 -11.08 -1.61 30.48
C ILE A 234 -11.81 -0.33 30.17
N VAL A 235 -12.45 -0.25 28.99
CA VAL A 235 -13.13 0.97 28.58
C VAL A 235 -14.37 1.20 29.45
N SER A 236 -14.99 0.11 29.92
CA SER A 236 -16.06 0.23 30.90
C SER A 236 -15.54 0.76 32.21
N SER A 237 -14.33 0.38 32.58
CA SER A 237 -13.73 0.87 33.81
C SER A 237 -13.35 2.34 33.75
N ILE A 238 -12.92 2.83 32.59
CA ILE A 238 -12.59 4.24 32.46
C ILE A 238 -13.81 5.12 32.45
N THR A 239 -14.81 4.82 31.62
CA THR A 239 -15.90 5.75 31.36
C THR A 239 -17.22 5.28 31.98
N ALA A 240 -17.68 4.06 31.64
CA ALA A 240 -19.04 3.65 31.97
C ALA A 240 -19.21 3.43 33.46
N SER A 241 -18.12 3.23 34.18
CA SER A 241 -18.18 3.27 35.63
C SER A 241 -18.16 4.70 36.14
N LEU A 242 -17.35 5.56 35.53
CA LEU A 242 -17.08 6.86 36.13
C LEU A 242 -18.16 7.87 35.80
N ARG A 243 -19.10 7.50 34.93
CA ARG A 243 -20.33 8.27 34.83
C ARG A 243 -21.39 7.76 35.79
N PHE A 244 -21.00 7.04 36.83
CA PHE A 244 -21.91 6.57 37.86
C PHE A 244 -21.39 6.98 39.23
N ASP A 245 -22.21 6.75 40.25
CA ASP A 245 -21.88 7.16 41.60
C ASP A 245 -20.76 6.30 42.18
N GLY A 246 -19.89 6.93 42.94
CA GLY A 246 -18.83 6.24 43.63
C GLY A 246 -18.38 7.07 44.80
N ALA A 247 -17.41 6.54 45.55
CA ALA A 247 -16.90 7.29 46.69
C ALA A 247 -16.01 8.43 46.21
N LEU A 248 -15.13 8.18 45.26
CA LEU A 248 -14.26 9.20 44.68
C LEU A 248 -14.36 9.12 43.17
N ASN A 249 -15.31 9.84 42.60
CA ASN A 249 -15.49 9.84 41.16
C ASN A 249 -14.62 10.91 40.51
N VAL A 250 -14.05 10.57 39.36
CA VAL A 250 -13.21 11.48 38.60
C VAL A 250 -13.74 11.54 37.16
N ASP A 251 -13.82 12.75 36.62
CA ASP A 251 -14.26 12.96 35.26
C ASP A 251 -13.08 12.89 34.30
N LEU A 252 -13.39 12.69 33.02
CA LEU A 252 -12.35 12.53 32.03
C LEU A 252 -11.80 13.86 31.55
N THR A 253 -12.43 14.97 31.94
CA THR A 253 -11.90 16.28 31.57
C THR A 253 -10.67 16.62 32.40
N GLU A 254 -10.66 16.22 33.68
CA GLU A 254 -9.52 16.51 34.54
C GLU A 254 -8.40 15.50 34.32
N PHE A 255 -8.62 14.52 33.43
CA PHE A 255 -7.58 13.54 33.11
C PHE A 255 -6.36 14.20 32.48
N GLN A 256 -6.59 15.07 31.49
CA GLN A 256 -5.50 15.64 30.70
C GLN A 256 -4.62 16.56 31.52
N THR A 257 -5.17 17.14 32.57
CA THR A 257 -4.37 17.92 33.50
C THR A 257 -3.78 17.06 34.61
N ASN A 258 -4.30 15.86 34.82
CA ASN A 258 -3.74 14.93 35.80
C ASN A 258 -2.66 14.07 35.15
N LEU A 259 -2.87 13.66 33.91
CA LEU A 259 -2.03 12.65 33.30
C LEU A 259 -1.06 13.18 32.26
N VAL A 260 -1.38 14.24 31.53
CA VAL A 260 -0.52 14.72 30.47
C VAL A 260 0.24 15.94 30.97
N PRO A 261 1.51 15.81 31.35
CA PRO A 261 2.21 16.94 31.97
C PRO A 261 2.60 18.02 31.00
N TYR A 262 2.74 17.69 29.72
CA TYR A 262 3.26 18.58 28.71
C TYR A 262 2.28 18.64 27.54
N PRO A 263 2.55 19.44 26.51
CA PRO A 263 1.79 19.27 25.26
C PRO A 263 1.84 17.87 24.67
N ARG A 264 3.03 17.34 24.39
CA ARG A 264 3.14 16.07 23.69
C ARG A 264 3.73 15.02 24.63
N ALA A 265 2.87 14.44 25.47
CA ALA A 265 3.23 13.29 26.26
C ALA A 265 2.03 12.38 26.46
N HIS A 266 1.04 12.54 25.60
CA HIS A 266 -0.32 12.08 25.86
C HIS A 266 -0.52 10.67 25.34
N PHE A 267 0.36 9.76 25.75
CA PHE A 267 0.32 8.39 25.25
C PHE A 267 0.39 7.38 26.40
N PRO A 268 -0.72 7.16 27.09
CA PRO A 268 -0.66 6.31 28.28
C PRO A 268 -0.84 4.84 27.93
N LEU A 269 -0.56 4.00 28.91
CA LEU A 269 -0.70 2.55 28.81
C LEU A 269 -1.79 2.13 29.79
N ALA A 270 -2.81 1.44 29.29
CA ALA A 270 -3.81 0.91 30.20
C ALA A 270 -3.47 -0.54 30.53
N THR A 271 -3.97 -0.98 31.68
CA THR A 271 -3.90 -2.39 32.05
C THR A 271 -5.04 -2.69 33.01
N TYR A 272 -5.07 -3.93 33.50
CA TYR A 272 -6.19 -4.43 34.27
C TYR A 272 -5.72 -5.63 35.08
N ALA A 273 -5.68 -5.49 36.39
CA ALA A 273 -5.07 -6.46 37.29
C ALA A 273 -5.89 -7.70 37.67
N PRO A 274 -7.24 -7.63 37.92
CA PRO A 274 -7.93 -8.85 38.36
C PRO A 274 -8.27 -9.86 37.26
N VAL A 275 -7.55 -9.83 36.14
CA VAL A 275 -7.73 -10.80 35.07
C VAL A 275 -7.44 -12.21 35.58
N ILE A 276 -8.48 -13.03 35.64
CA ILE A 276 -8.40 -14.33 36.28
C ILE A 276 -9.38 -15.26 35.58
N SER A 277 -9.12 -16.55 35.69
CA SER A 277 -10.08 -17.54 35.23
C SER A 277 -11.11 -17.79 36.32
N ALA A 278 -12.09 -18.62 35.99
CA ALA A 278 -13.16 -18.93 36.93
C ALA A 278 -12.68 -19.78 38.08
N GLU A 279 -11.64 -20.58 37.85
CA GLU A 279 -11.19 -21.56 38.83
C GLU A 279 -10.25 -20.95 39.86
N LYS A 280 -9.28 -20.16 39.41
CA LYS A 280 -8.23 -19.71 40.31
C LYS A 280 -8.66 -18.54 41.18
N ALA A 281 -9.82 -17.95 40.89
CA ALA A 281 -10.35 -16.91 41.77
C ALA A 281 -10.87 -17.52 43.08
N TYR A 282 -11.20 -18.82 43.04
CA TYR A 282 -11.62 -19.51 44.26
C TYR A 282 -10.46 -19.64 45.24
N HIS A 283 -9.23 -19.71 44.73
CA HIS A 283 -8.07 -19.80 45.61
C HIS A 283 -7.80 -18.48 46.30
N GLU A 284 -7.48 -17.44 45.53
CA GLU A 284 -7.04 -16.17 46.08
C GLU A 284 -8.23 -15.26 46.29
N GLN A 285 -8.42 -14.82 47.53
CA GLN A 285 -9.35 -13.75 47.86
C GLN A 285 -8.62 -12.44 47.55
N LEU A 286 -9.09 -11.74 46.53
CA LEU A 286 -8.36 -10.58 46.02
C LEU A 286 -8.52 -9.39 46.96
N SER A 287 -7.43 -8.98 47.57
CA SER A 287 -7.42 -7.74 48.34
C SER A 287 -6.96 -6.60 47.46
N VAL A 288 -7.11 -5.38 47.97
CA VAL A 288 -6.70 -4.20 47.20
C VAL A 288 -5.19 -4.06 47.21
N ALA A 289 -4.51 -4.73 48.14
CA ALA A 289 -3.06 -4.61 48.25
C ALA A 289 -2.37 -5.37 47.13
N GLU A 290 -2.78 -6.62 46.89
CA GLU A 290 -2.09 -7.43 45.90
C GLU A 290 -2.49 -7.04 44.48
N ILE A 291 -3.66 -6.44 44.32
CA ILE A 291 -4.13 -6.03 43.00
C ILE A 291 -3.28 -4.88 42.47
N THR A 292 -2.98 -3.91 43.33
CA THR A 292 -2.17 -2.76 42.92
C THR A 292 -0.75 -3.17 42.57
N ASN A 293 -0.23 -4.19 43.25
CA ASN A 293 1.05 -4.75 42.86
C ASN A 293 0.94 -5.47 41.52
N ALA A 294 -0.22 -6.10 41.26
CA ALA A 294 -0.42 -6.79 39.99
C ALA A 294 -0.53 -5.83 38.82
N CYS A 295 -0.91 -4.57 39.06
CA CYS A 295 -0.85 -3.58 38.01
C CYS A 295 0.58 -3.27 37.60
N PHE A 296 1.49 -3.19 38.56
CA PHE A 296 2.85 -2.77 38.28
C PHE A 296 3.77 -3.91 37.93
N GLU A 297 3.24 -5.07 37.56
CA GLU A 297 4.08 -6.16 37.10
C GLU A 297 4.57 -5.86 35.70
N PRO A 298 5.81 -6.16 35.36
CA PRO A 298 6.29 -5.96 33.99
C PRO A 298 5.65 -6.92 33.01
N ALA A 299 5.11 -8.02 33.52
CA ALA A 299 4.51 -9.05 32.68
C ALA A 299 3.03 -8.80 32.39
N ASN A 300 2.43 -7.75 32.93
CA ASN A 300 1.01 -7.48 32.74
C ASN A 300 0.83 -6.05 32.24
N GLN A 301 1.79 -5.58 31.46
CA GLN A 301 1.83 -4.19 31.05
C GLN A 301 0.90 -3.86 29.89
N MET A 302 0.39 -4.87 29.18
CA MET A 302 -0.51 -4.80 28.03
C MET A 302 0.11 -4.17 26.78
N VAL A 303 1.32 -3.65 26.88
CA VAL A 303 2.13 -3.23 25.75
C VAL A 303 3.54 -3.74 26.03
N LYS A 304 4.14 -4.41 25.05
CA LYS A 304 5.40 -5.12 25.26
C LYS A 304 6.53 -4.12 25.39
N CYS A 305 6.67 -3.55 26.59
CA CYS A 305 7.81 -2.72 26.94
C CYS A 305 8.29 -3.13 28.32
N ASP A 306 9.53 -2.77 28.62
CA ASP A 306 10.12 -3.01 29.94
C ASP A 306 9.92 -1.78 30.80
N PRO A 307 9.03 -1.82 31.78
CA PRO A 307 8.80 -0.63 32.62
C PRO A 307 9.94 -0.31 33.55
N ARG A 308 10.81 -1.29 33.84
CA ARG A 308 11.96 -1.02 34.68
C ARG A 308 12.96 -0.12 33.96
N HIS A 309 13.06 -0.25 32.64
CA HIS A 309 13.96 0.58 31.87
C HIS A 309 13.39 1.97 31.57
N GLY A 310 12.20 2.28 32.06
CA GLY A 310 11.57 3.58 31.85
C GLY A 310 11.23 4.24 33.16
N LYS A 311 11.46 5.54 33.24
CA LYS A 311 11.01 6.32 34.39
C LYS A 311 9.51 6.52 34.28
N TYR A 312 8.86 6.73 35.43
CA TYR A 312 7.44 7.00 35.47
C TYR A 312 7.19 8.47 35.74
N MET A 313 6.13 9.01 35.17
CA MET A 313 5.72 10.39 35.42
C MET A 313 4.44 10.48 36.23
N ALA A 314 3.37 9.87 35.76
CA ALA A 314 2.07 9.94 36.43
C ALA A 314 1.36 8.62 36.21
N CYS A 315 0.45 8.28 37.11
CA CYS A 315 -0.15 6.95 37.11
C CYS A 315 -1.54 7.04 37.74
N CYS A 316 -2.57 6.79 36.94
CA CYS A 316 -3.93 6.73 37.44
C CYS A 316 -4.24 5.32 37.91
N LEU A 317 -5.17 5.22 38.87
CA LEU A 317 -5.65 3.94 39.36
C LEU A 317 -7.16 4.04 39.54
N LEU A 318 -7.91 3.52 38.59
CA LEU A 318 -9.37 3.62 38.60
C LEU A 318 -9.94 2.32 39.13
N TYR A 319 -10.85 2.42 40.09
CA TYR A 319 -11.26 1.27 40.88
C TYR A 319 -12.69 0.90 40.60
N ARG A 320 -13.05 -0.31 41.03
CA ARG A 320 -14.40 -0.81 40.86
C ARG A 320 -14.78 -1.61 42.10
N GLY A 321 -16.06 -1.64 42.42
CA GLY A 321 -16.56 -2.47 43.50
C GLY A 321 -16.21 -1.99 44.89
N ASP A 322 -16.39 -2.88 45.86
CA ASP A 322 -16.18 -2.57 47.27
C ASP A 322 -14.70 -2.36 47.58
N VAL A 323 -14.34 -1.12 47.89
CA VAL A 323 -12.94 -0.75 48.14
C VAL A 323 -12.93 0.26 49.29
N VAL A 324 -12.12 -0.01 50.31
CA VAL A 324 -11.90 0.91 51.42
C VAL A 324 -10.72 1.81 51.04
N PRO A 325 -10.89 3.13 51.03
CA PRO A 325 -9.80 4.01 50.60
C PRO A 325 -8.64 4.06 51.57
N LYS A 326 -8.89 3.76 52.84
CA LYS A 326 -7.83 3.73 53.85
C LYS A 326 -6.82 2.63 53.55
N ASP A 327 -7.29 1.53 52.97
CA ASP A 327 -6.37 0.48 52.54
C ASP A 327 -5.59 0.91 51.30
N VAL A 328 -6.18 1.75 50.47
CA VAL A 328 -5.52 2.18 49.23
C VAL A 328 -4.36 3.10 49.55
N ASN A 329 -4.54 3.97 50.55
CA ASN A 329 -3.48 4.87 50.96
C ASN A 329 -2.30 4.11 51.54
N ALA A 330 -2.57 3.00 52.21
CA ALA A 330 -1.49 2.08 52.57
C ALA A 330 -0.94 1.39 51.35
N ALA A 331 -1.81 1.02 50.40
CA ALA A 331 -1.38 0.30 49.22
C ALA A 331 -0.58 1.20 48.28
N ILE A 332 -0.94 2.48 48.20
CA ILE A 332 -0.18 3.38 47.34
C ILE A 332 1.12 3.79 48.02
N ALA A 333 1.16 3.75 49.35
CA ALA A 333 2.42 3.93 50.06
C ALA A 333 3.30 2.71 49.89
N THR A 334 2.68 1.54 49.70
CA THR A 334 3.43 0.30 49.55
C THR A 334 4.24 0.29 48.26
N ILE A 335 3.72 0.93 47.21
CA ILE A 335 4.43 0.98 45.95
C ILE A 335 5.68 1.84 46.06
N LYS A 336 5.57 2.98 46.75
CA LYS A 336 6.76 3.78 47.04
C LYS A 336 7.65 3.10 48.08
N THR A 337 7.09 2.18 48.86
CA THR A 337 7.90 1.38 49.78
C THR A 337 8.63 0.27 49.02
N LYS A 338 8.01 -0.21 47.94
CA LYS A 338 8.56 -1.28 47.12
C LYS A 338 9.23 -0.62 45.91
N ARG A 339 9.93 0.48 46.16
CA ARG A 339 10.42 1.33 45.08
C ARG A 339 11.52 0.66 44.26
N THR A 340 11.08 -0.08 43.26
CA THR A 340 11.99 -0.47 42.18
C THR A 340 11.56 0.20 40.89
N ILE A 341 10.43 0.90 40.89
CA ILE A 341 10.02 1.73 39.76
C ILE A 341 10.94 2.93 39.71
N GLN A 342 11.11 3.49 38.53
CA GLN A 342 11.80 4.76 38.45
C GLN A 342 10.78 5.87 38.30
N PHE A 343 10.87 6.89 39.15
CA PHE A 343 9.92 7.97 39.15
C PHE A 343 10.68 9.26 38.87
N VAL A 344 10.09 10.16 38.08
CA VAL A 344 10.80 11.37 37.74
C VAL A 344 10.86 12.30 38.94
N ASP A 345 11.94 13.08 39.01
CA ASP A 345 12.06 14.10 40.03
C ASP A 345 11.19 15.31 39.74
N TRP A 346 10.65 15.39 38.52
CA TRP A 346 9.65 16.40 38.19
C TRP A 346 8.42 16.26 39.05
N CYS A 347 7.86 15.05 39.12
CA CYS A 347 6.59 14.85 39.77
C CYS A 347 6.78 14.03 41.03
N PRO A 348 6.42 14.55 42.20
CA PRO A 348 6.56 13.76 43.42
C PRO A 348 5.43 12.76 43.61
N THR A 349 4.23 13.10 43.15
CA THR A 349 3.01 12.44 43.63
C THR A 349 2.12 12.03 42.45
N GLY A 350 2.71 11.42 41.44
CA GLY A 350 1.95 10.99 40.28
C GLY A 350 1.10 9.75 40.51
N PHE A 351 0.17 9.82 41.45
CA PHE A 351 -0.70 8.71 41.79
C PHE A 351 -2.09 9.26 42.06
N LYS A 352 -2.92 9.31 41.02
CA LYS A 352 -4.30 9.72 41.23
C LYS A 352 -5.18 8.50 41.44
N VAL A 353 -5.87 8.48 42.56
CA VAL A 353 -6.76 7.39 42.92
C VAL A 353 -8.19 7.78 42.54
N GLY A 354 -8.94 6.82 42.02
CA GLY A 354 -10.36 7.03 41.77
C GLY A 354 -11.12 5.76 42.05
N ILE A 355 -12.11 5.83 42.93
CA ILE A 355 -12.84 4.66 43.38
C ILE A 355 -14.31 4.83 43.06
N ASN A 356 -14.81 4.00 42.15
CA ASN A 356 -16.23 3.99 41.82
C ASN A 356 -16.89 2.88 42.60
N TYR A 357 -18.17 3.06 42.90
CA TYR A 357 -18.87 2.11 43.75
C TYR A 357 -19.37 0.92 42.94
N GLU A 358 -19.39 1.05 41.62
CA GLU A 358 -19.94 0.02 40.77
C GLU A 358 -19.01 -1.20 40.74
N PRO A 359 -19.55 -2.41 40.72
CA PRO A 359 -18.69 -3.58 40.70
C PRO A 359 -18.18 -3.84 39.29
N PRO A 360 -17.13 -4.65 39.15
CA PRO A 360 -16.81 -5.19 37.82
C PRO A 360 -17.89 -6.16 37.37
N THR A 361 -18.33 -5.99 36.14
CA THR A 361 -19.37 -6.87 35.63
C THR A 361 -18.78 -7.97 34.79
N VAL A 362 -19.48 -9.09 34.74
CA VAL A 362 -19.05 -10.27 34.01
C VAL A 362 -19.81 -10.29 32.68
N VAL A 363 -19.16 -10.77 31.64
CA VAL A 363 -19.84 -11.04 30.38
C VAL A 363 -20.28 -12.51 30.37
N PRO A 364 -21.53 -12.80 30.01
CA PRO A 364 -21.98 -14.20 30.03
C PRO A 364 -21.43 -14.99 28.86
N GLY A 365 -20.21 -15.48 29.01
CA GLY A 365 -19.55 -16.23 27.95
C GLY A 365 -18.05 -16.04 27.99
N GLY A 366 -17.61 -14.96 28.64
CA GLY A 366 -16.20 -14.74 28.86
C GLY A 366 -15.69 -15.54 30.05
N ASP A 367 -14.36 -15.64 30.13
CA ASP A 367 -13.71 -16.44 31.16
C ASP A 367 -13.06 -15.58 32.23
N LEU A 368 -13.67 -14.48 32.62
CA LEU A 368 -13.24 -13.69 33.75
C LEU A 368 -14.20 -13.90 34.89
N ALA A 369 -13.67 -14.22 36.07
CA ALA A 369 -14.54 -14.59 37.18
C ALA A 369 -15.15 -13.34 37.81
N LYS A 370 -16.21 -13.57 38.58
CA LYS A 370 -16.90 -12.49 39.27
C LYS A 370 -16.07 -12.08 40.49
N VAL A 371 -15.17 -11.14 40.29
CA VAL A 371 -14.43 -10.55 41.40
C VAL A 371 -15.25 -9.41 41.98
N GLN A 372 -15.01 -9.10 43.25
CA GLN A 372 -15.73 -8.01 43.88
C GLN A 372 -15.07 -6.66 43.63
N ARG A 373 -13.81 -6.65 43.27
CA ARG A 373 -13.08 -5.41 43.09
C ARG A 373 -12.24 -5.50 41.83
N ALA A 374 -12.06 -4.36 41.17
CA ALA A 374 -11.28 -4.30 39.95
C ALA A 374 -10.55 -2.97 39.87
N VAL A 375 -9.33 -3.00 39.35
CA VAL A 375 -8.51 -1.80 39.23
C VAL A 375 -7.99 -1.73 37.81
N CYS A 376 -8.26 -0.62 37.13
CA CYS A 376 -7.61 -0.30 35.88
C CYS A 376 -6.54 0.75 36.14
N MET A 377 -5.35 0.52 35.57
CA MET A 377 -4.22 1.42 35.79
C MET A 377 -3.83 2.06 34.47
N LEU A 378 -3.83 3.38 34.45
CA LEU A 378 -3.24 4.15 33.36
C LEU A 378 -1.90 4.66 33.86
N SER A 379 -0.92 4.75 32.96
CA SER A 379 0.41 5.19 33.34
C SER A 379 1.13 5.80 32.15
N ASN A 380 1.98 6.78 32.44
CA ASN A 380 2.87 7.37 31.45
C ASN A 380 4.29 7.04 31.85
N THR A 381 4.97 6.22 31.06
CA THR A 381 6.36 5.90 31.32
C THR A 381 7.26 6.31 30.16
N THR A 382 8.54 6.41 30.47
CA THR A 382 9.55 6.68 29.43
C THR A 382 10.08 5.41 28.79
N ALA A 383 9.41 4.28 28.98
CA ALA A 383 9.81 3.07 28.28
C ALA A 383 9.32 3.06 26.84
N ILE A 384 8.54 4.06 26.44
CA ILE A 384 7.84 3.98 25.17
C ILE A 384 8.76 4.39 24.03
N ALA A 385 9.81 5.14 24.35
CA ALA A 385 10.81 5.49 23.33
C ALA A 385 11.56 4.26 22.84
N GLU A 386 11.69 3.25 23.70
CA GLU A 386 12.17 1.95 23.24
C GLU A 386 11.17 1.32 22.28
N ALA A 387 9.88 1.50 22.54
CA ALA A 387 8.85 0.92 21.68
C ALA A 387 8.78 1.66 20.35
N TRP A 388 8.96 2.99 20.39
CA TRP A 388 8.96 3.75 19.13
C TRP A 388 10.19 3.43 18.30
N ALA A 389 11.32 3.12 18.95
CA ALA A 389 12.56 2.85 18.21
C ALA A 389 12.46 1.57 17.40
N ARG A 390 11.62 0.63 17.84
CA ARG A 390 11.42 -0.58 17.06
C ARG A 390 10.63 -0.29 15.78
N LEU A 391 9.55 0.47 15.89
CA LEU A 391 8.75 0.78 14.72
C LEU A 391 9.47 1.73 13.79
N ASP A 392 10.39 2.53 14.33
CA ASP A 392 11.10 3.48 13.49
C ASP A 392 12.18 2.77 12.68
N HIS A 393 12.79 1.73 13.25
CA HIS A 393 13.72 0.89 12.49
C HIS A 393 13.00 0.14 11.38
N LYS A 394 11.80 -0.36 11.69
CA LYS A 394 11.01 -1.07 10.67
C LYS A 394 10.60 -0.15 9.54
N PHE A 395 10.38 1.13 9.85
CA PHE A 395 10.13 2.11 8.80
C PHE A 395 11.38 2.35 7.98
N ASP A 396 12.52 2.53 8.66
CA ASP A 396 13.67 3.19 8.07
C ASP A 396 14.31 2.35 6.98
N LEU A 397 14.25 1.03 7.11
CA LEU A 397 14.84 0.17 6.09
C LEU A 397 13.96 0.15 4.85
N MET A 398 12.64 0.24 5.02
CA MET A 398 11.75 0.26 3.87
C MET A 398 11.86 1.56 3.10
N TYR A 399 12.04 2.68 3.78
CA TYR A 399 12.24 3.93 3.07
C TYR A 399 13.65 4.04 2.51
N ALA A 400 14.59 3.26 3.06
CA ALA A 400 15.91 3.19 2.46
C ALA A 400 15.85 2.48 1.11
N LYS A 401 14.98 1.49 0.98
CA LYS A 401 14.79 0.81 -0.29
C LYS A 401 13.71 1.45 -1.14
N ARG A 402 12.98 2.42 -0.59
CA ARG A 402 11.72 2.93 -1.15
C ARG A 402 10.76 1.77 -1.42
N ALA A 403 10.60 0.91 -0.42
CA ALA A 403 9.76 -0.26 -0.54
C ALA A 403 8.29 0.14 -0.45
N PHE A 404 7.49 -0.42 -1.36
CA PHE A 404 6.02 -0.35 -1.37
C PHE A 404 5.45 1.06 -1.50
N VAL A 405 6.29 2.04 -1.80
CA VAL A 405 5.87 3.42 -1.71
C VAL A 405 5.01 3.81 -2.90
N HIS A 406 5.13 3.06 -4.00
CA HIS A 406 4.40 3.39 -5.22
C HIS A 406 2.91 3.12 -5.12
N TRP A 407 2.46 2.42 -4.07
CA TRP A 407 1.03 2.33 -3.81
C TRP A 407 0.51 3.56 -3.08
N TYR A 408 1.41 4.45 -2.66
CA TYR A 408 1.04 5.69 -1.97
C TYR A 408 1.26 6.91 -2.84
N VAL A 409 2.40 6.99 -3.51
CA VAL A 409 2.65 8.09 -4.42
C VAL A 409 1.92 7.87 -5.73
N GLY A 410 1.50 6.63 -6.00
CA GLY A 410 0.49 6.39 -7.00
C GLY A 410 -0.91 6.73 -6.55
N GLU A 411 -1.08 7.09 -5.28
CA GLU A 411 -2.37 7.49 -4.73
C GLU A 411 -2.40 8.94 -4.27
N GLY A 412 -1.24 9.61 -4.23
CA GLY A 412 -1.25 11.04 -3.97
C GLY A 412 -0.47 11.57 -2.80
N MET A 413 0.60 10.90 -2.40
CA MET A 413 1.48 11.41 -1.35
C MET A 413 2.84 11.74 -1.94
N GLU A 414 3.63 12.49 -1.19
CA GLU A 414 4.96 12.88 -1.65
C GLU A 414 6.04 12.15 -0.85
N GLU A 415 7.16 11.89 -1.52
CA GLU A 415 8.24 11.13 -0.89
C GLU A 415 8.95 11.95 0.18
N GLY A 416 8.85 13.28 0.09
CA GLY A 416 9.39 14.12 1.14
C GLY A 416 8.57 14.08 2.40
N GLU A 417 7.33 13.62 2.32
CA GLU A 417 6.45 13.67 3.48
C GLU A 417 6.72 12.53 4.44
N PHE A 418 7.09 11.36 3.92
CA PHE A 418 7.44 10.25 4.80
C PHE A 418 8.76 10.50 5.50
N SER A 419 9.66 11.22 4.84
CA SER A 419 10.83 11.73 5.54
C SER A 419 10.41 12.77 6.57
N GLU A 420 9.45 13.62 6.21
CA GLU A 420 8.97 14.67 7.11
C GLU A 420 8.27 14.08 8.33
N ALA A 421 7.43 13.07 8.13
CA ALA A 421 6.68 12.50 9.24
C ALA A 421 7.58 11.72 10.19
N ARG A 422 8.71 11.21 9.68
CA ARG A 422 9.64 10.51 10.55
C ARG A 422 10.33 11.47 11.50
N GLU A 423 10.56 12.71 11.06
CA GLU A 423 11.25 13.68 11.90
C GLU A 423 10.36 14.13 13.04
N ASP A 424 9.06 14.25 12.79
CA ASP A 424 8.14 14.55 13.88
C ASP A 424 7.98 13.36 14.80
N MET A 425 8.10 12.15 14.26
CA MET A 425 8.27 10.98 15.12
C MET A 425 9.62 11.04 15.84
N ALA A 426 10.67 11.49 15.13
CA ALA A 426 11.97 11.63 15.77
C ALA A 426 11.98 12.76 16.78
N ALA A 427 11.18 13.80 16.54
CA ALA A 427 11.05 14.88 17.51
C ALA A 427 10.34 14.38 18.77
N LEU A 428 9.45 13.40 18.61
CA LEU A 428 8.83 12.78 19.77
C LEU A 428 9.85 11.97 20.56
N GLU A 429 10.86 11.44 19.88
CA GLU A 429 11.88 10.66 20.57
C GLU A 429 12.85 11.55 21.33
N LYS A 430 13.01 12.80 20.89
CA LYS A 430 13.82 13.72 21.66
C LYS A 430 13.15 14.08 22.98
N ASP A 431 11.82 14.21 22.97
CA ASP A 431 11.10 14.64 24.15
C ASP A 431 11.10 13.58 25.24
N TYR A 432 10.86 12.33 24.85
CA TYR A 432 10.88 11.24 25.83
C TYR A 432 12.29 10.96 26.35
N GLU A 433 13.32 11.39 25.64
CA GLU A 433 14.66 11.40 26.22
C GLU A 433 14.83 12.58 27.18
N GLU A 434 14.20 13.72 26.85
CA GLU A 434 14.37 14.92 27.68
C GLU A 434 13.67 14.80 29.02
N VAL A 435 12.54 14.12 29.06
CA VAL A 435 11.73 14.12 30.27
C VAL A 435 12.35 13.27 31.37
N GLY A 436 13.21 12.32 30.99
CA GLY A 436 13.79 11.44 31.99
C GLY A 436 15.15 11.92 32.48
N VAL A 437 15.89 12.62 31.63
CA VAL A 437 17.28 12.94 31.91
C VAL A 437 17.34 14.12 32.87
N ASP A 438 16.25 14.89 32.94
CA ASP A 438 16.25 16.16 33.67
C ASP A 438 16.31 15.92 35.18
N SER A 439 16.99 16.83 35.87
CA SER A 439 17.10 16.79 37.31
C SER A 439 17.12 18.20 37.87
N ARG B 2 -17.78 -4.29 -5.84
CA ARG B 2 -17.27 -5.52 -5.25
C ARG B 2 -17.54 -6.72 -6.15
N GLU B 3 -17.37 -6.53 -7.45
CA GLU B 3 -17.60 -7.60 -8.41
C GLU B 3 -16.38 -7.77 -9.29
N ILE B 4 -16.07 -9.01 -9.63
CA ILE B 4 -14.88 -9.35 -10.40
C ILE B 4 -15.31 -9.97 -11.72
N VAL B 5 -14.80 -9.43 -12.82
CA VAL B 5 -15.01 -9.98 -14.14
C VAL B 5 -14.04 -11.15 -14.32
N HIS B 6 -14.55 -12.27 -14.84
CA HIS B 6 -13.73 -13.45 -15.09
C HIS B 6 -13.82 -13.81 -16.57
N ILE B 7 -12.67 -13.91 -17.23
CA ILE B 7 -12.60 -14.28 -18.65
C ILE B 7 -11.66 -15.46 -18.78
N GLN B 8 -12.05 -16.44 -19.59
CA GLN B 8 -11.24 -17.63 -19.80
C GLN B 8 -10.86 -17.73 -21.28
N ALA B 9 -9.56 -17.87 -21.55
CA ALA B 9 -9.06 -17.95 -22.91
C ALA B 9 -8.09 -19.12 -23.04
N GLY B 10 -7.87 -19.54 -24.27
CA GLY B 10 -6.96 -20.64 -24.54
C GLY B 10 -7.57 -22.00 -24.26
N GLN B 11 -6.95 -23.04 -24.83
CA GLN B 11 -7.37 -24.40 -24.56
C GLN B 11 -7.12 -24.79 -23.12
N CYS B 12 -6.08 -24.22 -22.51
CA CYS B 12 -5.76 -24.49 -21.11
C CYS B 12 -6.78 -23.88 -20.17
N GLY B 13 -6.98 -22.56 -20.27
CA GLY B 13 -7.68 -21.83 -19.23
C GLY B 13 -9.18 -22.12 -19.19
N ASN B 14 -9.77 -22.40 -20.36
CA ASN B 14 -11.17 -22.75 -20.39
C ASN B 14 -11.41 -24.12 -19.78
N GLN B 15 -10.42 -25.01 -19.83
CA GLN B 15 -10.52 -26.25 -19.06
C GLN B 15 -10.40 -25.97 -17.58
N ILE B 16 -9.56 -25.01 -17.20
CA ILE B 16 -9.37 -24.69 -15.78
C ILE B 16 -10.62 -24.03 -15.22
N GLY B 17 -11.18 -23.08 -15.96
CA GLY B 17 -12.37 -22.40 -15.50
C GLY B 17 -13.61 -23.27 -15.51
N ALA B 18 -13.58 -24.36 -16.28
CA ALA B 18 -14.68 -25.31 -16.26
C ALA B 18 -14.78 -26.01 -14.92
N LYS B 19 -13.66 -26.45 -14.38
CA LYS B 19 -13.64 -27.02 -13.04
C LYS B 19 -13.76 -25.96 -11.96
N PHE B 20 -13.38 -24.71 -12.29
CA PHE B 20 -13.41 -23.64 -11.31
C PHE B 20 -14.84 -23.29 -10.92
N TRP B 21 -15.69 -23.03 -11.91
CA TRP B 21 -17.08 -22.69 -11.64
C TRP B 21 -17.86 -23.88 -11.11
N GLU B 22 -17.36 -25.09 -11.33
CA GLU B 22 -17.91 -26.27 -10.68
C GLU B 22 -17.74 -26.20 -9.16
N VAL B 23 -16.61 -25.65 -8.71
CA VAL B 23 -16.35 -25.54 -7.27
C VAL B 23 -17.24 -24.46 -6.64
N ILE B 24 -17.31 -23.29 -7.28
CA ILE B 24 -18.00 -22.15 -6.70
C ILE B 24 -19.51 -22.40 -6.65
N SER B 25 -20.02 -23.14 -7.61
CA SER B 25 -21.43 -23.54 -7.61
C SER B 25 -21.72 -24.44 -6.41
N ASP B 26 -20.83 -25.37 -6.12
CA ASP B 26 -20.98 -26.21 -4.95
C ASP B 26 -20.64 -25.45 -3.66
N GLU B 27 -19.93 -24.34 -3.78
CA GLU B 27 -19.62 -23.53 -2.60
C GLU B 27 -20.86 -22.83 -2.05
N HIS B 28 -21.92 -22.72 -2.85
CA HIS B 28 -23.12 -22.01 -2.42
C HIS B 28 -24.38 -22.84 -2.64
N GLY B 29 -24.23 -24.09 -3.07
CA GLY B 29 -25.37 -24.93 -3.34
C GLY B 29 -26.14 -24.47 -4.57
N ILE B 30 -25.42 -23.94 -5.54
CA ILE B 30 -26.00 -23.48 -6.79
C ILE B 30 -26.05 -24.68 -7.71
N ASP B 31 -27.22 -24.93 -8.28
CA ASP B 31 -27.39 -26.04 -9.21
C ASP B 31 -26.64 -25.75 -10.51
N PRO B 32 -26.22 -26.79 -11.26
CA PRO B 32 -25.67 -26.57 -12.60
C PRO B 32 -26.57 -25.83 -13.60
N THR B 33 -27.87 -25.79 -13.34
CA THR B 33 -28.76 -24.95 -14.13
C THR B 33 -28.68 -23.49 -13.75
N GLY B 34 -28.55 -23.18 -12.46
CA GLY B 34 -28.52 -21.80 -12.00
C GLY B 34 -29.51 -21.49 -10.89
N SER B 35 -30.01 -22.48 -10.18
CA SER B 35 -30.94 -22.24 -9.08
C SER B 35 -30.25 -22.50 -7.75
N TYR B 36 -30.51 -21.63 -6.77
CA TYR B 36 -29.92 -21.75 -5.45
C TYR B 36 -30.63 -22.85 -4.67
N HIS B 37 -29.84 -23.77 -4.13
CA HIS B 37 -30.39 -24.80 -3.25
C HIS B 37 -29.54 -24.96 -2.00
N GLY B 38 -28.71 -23.96 -1.69
CA GLY B 38 -27.91 -23.99 -0.49
C GLY B 38 -28.72 -23.67 0.74
N ASP B 39 -28.09 -23.63 1.90
CA ASP B 39 -28.82 -23.43 3.13
C ASP B 39 -28.31 -22.28 3.98
N SER B 40 -27.39 -21.46 3.50
CA SER B 40 -26.83 -20.38 4.29
C SER B 40 -27.06 -19.05 3.62
N ASP B 41 -27.22 -18.01 4.44
CA ASP B 41 -27.24 -16.65 3.94
C ASP B 41 -25.87 -16.24 3.43
N LEU B 42 -24.80 -16.84 3.97
CA LEU B 42 -23.46 -16.56 3.47
C LEU B 42 -23.28 -17.13 2.08
N GLN B 43 -23.96 -18.23 1.77
CA GLN B 43 -24.07 -18.70 0.41
C GLN B 43 -24.86 -17.75 -0.45
N LEU B 44 -25.75 -17.02 0.18
CA LEU B 44 -26.70 -16.15 -0.49
C LEU B 44 -26.25 -14.70 -0.56
N GLU B 45 -25.32 -14.29 0.30
CA GLU B 45 -25.01 -12.86 0.41
C GLU B 45 -24.15 -12.35 -0.72
N ARG B 46 -23.06 -13.03 -1.04
CA ARG B 46 -22.09 -12.52 -1.98
C ARG B 46 -22.16 -13.21 -3.34
N ILE B 47 -23.36 -13.61 -3.76
CA ILE B 47 -23.51 -14.21 -5.08
C ILE B 47 -23.21 -13.20 -6.16
N ASN B 48 -23.51 -11.92 -5.89
CA ASN B 48 -23.35 -10.87 -6.88
C ASN B 48 -21.89 -10.61 -7.22
N VAL B 49 -20.97 -11.03 -6.34
CA VAL B 49 -19.54 -10.90 -6.58
C VAL B 49 -19.12 -11.71 -7.80
N TYR B 50 -19.75 -12.86 -8.01
CA TYR B 50 -19.42 -13.72 -9.13
C TYR B 50 -20.59 -14.03 -10.05
N TYR B 51 -21.79 -13.61 -9.71
CA TYR B 51 -22.95 -13.99 -10.51
C TYR B 51 -23.83 -12.77 -10.74
N ASN B 52 -24.69 -12.88 -11.75
CA ASN B 52 -25.76 -11.92 -11.95
C ASN B 52 -27.07 -12.63 -11.64
N GLU B 53 -27.81 -12.09 -10.68
CA GLU B 53 -29.10 -12.64 -10.32
C GLU B 53 -30.10 -12.33 -11.43
N ALA B 54 -30.50 -13.35 -12.19
CA ALA B 54 -31.58 -13.20 -13.16
C ALA B 54 -32.88 -13.71 -12.54
N ALA B 55 -33.97 -13.46 -13.25
CA ALA B 55 -35.31 -13.68 -12.71
C ALA B 55 -35.58 -15.16 -12.50
N GLY B 56 -36.54 -15.46 -11.63
CA GLY B 56 -36.80 -16.80 -11.20
C GLY B 56 -35.72 -17.40 -10.34
N ASN B 57 -34.99 -16.56 -9.59
CA ASN B 57 -33.82 -16.95 -8.79
C ASN B 57 -32.77 -17.65 -9.65
N LYS B 58 -32.55 -17.11 -10.84
CA LYS B 58 -31.52 -17.60 -11.75
C LYS B 58 -30.22 -16.92 -11.41
N TYR B 59 -29.11 -17.61 -11.67
CA TYR B 59 -27.79 -17.08 -11.39
C TYR B 59 -26.87 -17.43 -12.55
N VAL B 60 -26.58 -16.45 -13.40
CA VAL B 60 -25.61 -16.59 -14.47
C VAL B 60 -24.26 -16.12 -13.96
N PRO B 61 -23.19 -16.88 -14.15
CA PRO B 61 -21.90 -16.47 -13.60
C PRO B 61 -21.29 -15.30 -14.33
N ARG B 62 -20.50 -14.50 -13.62
CA ARG B 62 -19.74 -13.44 -14.25
C ARG B 62 -18.55 -14.06 -14.98
N ALA B 63 -18.81 -14.65 -16.15
CA ALA B 63 -17.79 -15.42 -16.82
C ALA B 63 -17.97 -15.33 -18.33
N ILE B 64 -16.87 -15.04 -19.02
CA ILE B 64 -16.85 -14.89 -20.46
C ILE B 64 -15.86 -15.91 -21.03
N LEU B 65 -16.33 -16.72 -21.97
CA LEU B 65 -15.48 -17.72 -22.61
C LEU B 65 -15.11 -17.23 -23.99
N VAL B 66 -13.82 -17.28 -24.31
CA VAL B 66 -13.31 -16.76 -25.58
C VAL B 66 -12.20 -17.67 -26.09
N ASP B 67 -12.30 -18.04 -27.37
CA ASP B 67 -11.21 -18.70 -28.07
C ASP B 67 -11.36 -18.48 -29.57
N LEU B 68 -10.44 -19.01 -30.36
CA LEU B 68 -10.54 -18.99 -31.80
C LEU B 68 -10.99 -20.32 -32.35
N GLU B 69 -11.09 -21.34 -31.51
CA GLU B 69 -11.55 -22.66 -31.93
C GLU B 69 -12.70 -23.07 -31.03
N PRO B 70 -13.81 -23.53 -31.61
CA PRO B 70 -15.01 -23.78 -30.80
C PRO B 70 -14.92 -25.02 -29.92
N GLY B 71 -14.14 -26.03 -30.32
CA GLY B 71 -14.16 -27.38 -29.79
C GLY B 71 -14.14 -27.59 -28.28
N THR B 72 -13.42 -26.72 -27.57
CA THR B 72 -13.45 -26.76 -26.11
C THR B 72 -14.81 -26.35 -25.59
N MET B 73 -15.32 -25.21 -26.05
CA MET B 73 -16.64 -24.73 -25.66
C MET B 73 -17.74 -25.62 -26.21
N ASP B 74 -17.48 -26.30 -27.33
CA ASP B 74 -18.41 -27.31 -27.80
C ASP B 74 -18.53 -28.45 -26.79
N SER B 75 -17.43 -28.83 -26.16
CA SER B 75 -17.50 -29.83 -25.11
C SER B 75 -18.12 -29.26 -23.84
N VAL B 76 -17.82 -28.00 -23.52
CA VAL B 76 -18.27 -27.43 -22.25
C VAL B 76 -19.76 -27.16 -22.27
N ARG B 77 -20.24 -26.50 -23.32
CA ARG B 77 -21.67 -26.16 -23.43
C ARG B 77 -22.53 -27.41 -23.55
N SER B 78 -22.00 -28.47 -24.17
CA SER B 78 -22.67 -29.75 -24.14
C SER B 78 -22.45 -30.46 -22.80
N GLY B 79 -21.34 -30.23 -22.14
CA GLY B 79 -21.03 -30.91 -20.91
C GLY B 79 -21.76 -30.32 -19.72
N PRO B 80 -21.45 -30.84 -18.52
CA PRO B 80 -22.03 -30.27 -17.29
C PRO B 80 -21.55 -28.85 -17.05
N PHE B 81 -22.42 -28.05 -16.41
CA PHE B 81 -22.25 -26.62 -16.18
C PHE B 81 -22.08 -25.83 -17.48
N GLY B 82 -22.57 -26.36 -18.59
CA GLY B 82 -22.67 -25.62 -19.82
C GLY B 82 -23.98 -24.89 -19.97
N GLN B 83 -24.92 -25.15 -19.07
CA GLN B 83 -26.22 -24.51 -19.09
C GLN B 83 -26.33 -23.37 -18.11
N ILE B 84 -25.38 -23.27 -17.16
CA ILE B 84 -25.37 -22.17 -16.21
C ILE B 84 -25.06 -20.84 -16.87
N PHE B 85 -24.37 -20.86 -18.01
CA PHE B 85 -24.05 -19.64 -18.74
C PHE B 85 -25.28 -19.21 -19.52
N ARG B 86 -25.47 -17.90 -19.61
CA ARG B 86 -26.35 -17.62 -20.73
C ARG B 86 -25.56 -17.77 -22.02
N PRO B 87 -26.20 -18.18 -23.12
CA PRO B 87 -25.45 -18.47 -24.34
C PRO B 87 -24.92 -17.25 -25.08
N ASP B 88 -25.20 -16.05 -24.57
CA ASP B 88 -24.59 -14.84 -25.09
C ASP B 88 -23.08 -14.81 -24.86
N ASN B 89 -22.61 -15.39 -23.77
CA ASN B 89 -21.22 -15.25 -23.33
C ASN B 89 -20.22 -15.99 -24.21
N PHE B 90 -20.68 -16.94 -25.03
CA PHE B 90 -19.79 -17.80 -25.80
C PHE B 90 -19.28 -17.04 -27.03
N VAL B 91 -18.33 -16.14 -26.80
CA VAL B 91 -17.82 -15.28 -27.86
C VAL B 91 -16.60 -15.94 -28.48
N PHE B 92 -16.78 -16.50 -29.68
CA PHE B 92 -15.67 -17.15 -30.36
C PHE B 92 -15.85 -17.03 -31.86
N GLY B 93 -14.86 -17.57 -32.59
CA GLY B 93 -14.94 -17.69 -34.03
C GLY B 93 -14.32 -19.01 -34.45
N GLN B 94 -14.01 -19.09 -35.74
CA GLN B 94 -13.33 -20.24 -36.31
C GLN B 94 -11.90 -19.87 -36.64
N SER B 95 -11.21 -20.80 -37.31
CA SER B 95 -9.84 -20.63 -37.82
C SER B 95 -8.85 -20.31 -36.72
N GLY B 96 -8.59 -21.27 -35.84
CA GLY B 96 -7.76 -21.04 -34.68
C GLY B 96 -6.32 -20.69 -35.03
N ALA B 97 -5.61 -20.18 -34.02
CA ALA B 97 -4.30 -19.59 -34.25
C ALA B 97 -3.24 -20.64 -34.55
N GLY B 98 -3.48 -21.89 -34.14
CA GLY B 98 -2.52 -22.96 -34.39
C GLY B 98 -1.25 -22.76 -33.60
N ASN B 99 -1.40 -22.26 -32.37
CA ASN B 99 -0.32 -21.89 -31.47
C ASN B 99 0.65 -20.90 -32.09
N ASN B 100 0.13 -19.89 -32.78
CA ASN B 100 0.93 -18.79 -33.31
C ASN B 100 0.56 -17.52 -32.56
N TRP B 101 1.55 -16.87 -31.96
CA TRP B 101 1.28 -15.71 -31.11
C TRP B 101 0.77 -14.53 -31.91
N ALA B 102 1.41 -14.24 -33.04
CA ALA B 102 1.00 -13.10 -33.85
C ALA B 102 -0.34 -13.37 -34.52
N LYS B 103 -0.68 -14.64 -34.73
CA LYS B 103 -2.03 -14.96 -35.16
C LYS B 103 -3.04 -14.69 -34.05
N GLY B 104 -2.65 -14.96 -32.80
CA GLY B 104 -3.53 -14.69 -31.69
C GLY B 104 -3.54 -13.24 -31.28
N HIS B 105 -2.42 -12.55 -31.46
CA HIS B 105 -2.32 -11.18 -30.98
C HIS B 105 -2.24 -10.16 -32.10
N TYR B 106 -1.16 -10.25 -32.88
CA TYR B 106 -0.90 -9.28 -33.94
C TYR B 106 -1.87 -9.26 -35.11
N THR B 107 -2.71 -10.28 -35.28
CA THR B 107 -3.58 -10.26 -36.46
C THR B 107 -5.02 -10.72 -36.27
N GLU B 108 -5.36 -11.86 -36.89
CA GLU B 108 -6.70 -12.45 -36.86
C GLU B 108 -7.34 -12.42 -35.48
N GLY B 109 -6.74 -13.12 -34.53
CA GLY B 109 -7.25 -13.12 -33.16
C GLY B 109 -7.66 -11.75 -32.65
N ALA B 110 -6.93 -10.70 -33.05
CA ALA B 110 -7.26 -9.33 -32.71
C ALA B 110 -8.58 -8.87 -33.36
N GLU B 111 -8.98 -9.46 -34.49
CA GLU B 111 -10.24 -9.09 -35.13
C GLU B 111 -11.44 -9.55 -34.26
N LEU B 112 -11.28 -10.64 -33.50
CA LEU B 112 -12.36 -11.08 -32.63
C LEU B 112 -12.49 -10.22 -31.39
N VAL B 113 -11.45 -9.43 -31.08
CA VAL B 113 -11.34 -8.73 -29.80
C VAL B 113 -12.46 -7.70 -29.62
N ASP B 114 -12.87 -7.06 -30.72
CA ASP B 114 -13.96 -6.09 -30.65
C ASP B 114 -15.27 -6.77 -30.25
N SER B 115 -15.49 -8.00 -30.72
CA SER B 115 -16.64 -8.76 -30.28
C SER B 115 -16.52 -9.16 -28.82
N VAL B 116 -15.30 -9.29 -28.31
CA VAL B 116 -15.12 -9.68 -26.91
C VAL B 116 -15.40 -8.52 -25.98
N LEU B 117 -14.80 -7.36 -26.27
CA LEU B 117 -14.76 -6.28 -25.29
C LEU B 117 -16.14 -5.65 -25.09
N ASP B 118 -17.00 -5.72 -26.09
CA ASP B 118 -18.37 -5.25 -25.91
C ASP B 118 -19.12 -6.13 -24.93
N VAL B 119 -18.84 -7.43 -24.95
CA VAL B 119 -19.41 -8.33 -23.96
C VAL B 119 -18.77 -8.07 -22.59
N VAL B 120 -17.49 -7.67 -22.59
CA VAL B 120 -16.86 -7.20 -21.36
C VAL B 120 -17.49 -5.89 -20.90
N ARG B 121 -17.81 -5.02 -21.85
CA ARG B 121 -18.38 -3.72 -21.50
C ARG B 121 -19.75 -3.85 -20.89
N LYS B 122 -20.64 -4.63 -21.52
CA LYS B 122 -22.00 -4.77 -21.01
C LYS B 122 -22.03 -5.51 -19.69
N GLU B 123 -21.06 -6.39 -19.46
CA GLU B 123 -20.95 -7.01 -18.15
C GLU B 123 -20.46 -6.00 -17.11
N SER B 124 -19.43 -5.22 -17.45
CA SER B 124 -18.88 -4.24 -16.53
C SER B 124 -19.83 -3.06 -16.31
N GLU B 125 -20.68 -2.74 -17.29
CA GLU B 125 -21.71 -1.74 -17.07
C GLU B 125 -22.75 -2.24 -16.08
N SER B 126 -23.02 -3.54 -16.09
CA SER B 126 -23.97 -4.12 -15.15
C SER B 126 -23.43 -4.14 -13.72
N CYS B 127 -22.12 -4.06 -13.53
CA CYS B 127 -21.58 -3.98 -12.19
C CYS B 127 -21.79 -2.60 -11.60
N ASP B 128 -22.37 -2.56 -10.40
CA ASP B 128 -22.53 -1.29 -9.70
C ASP B 128 -21.21 -0.82 -9.11
N CYS B 129 -20.39 -1.75 -8.64
CA CYS B 129 -19.06 -1.41 -8.14
C CYS B 129 -18.11 -2.49 -8.64
N LEU B 130 -17.39 -2.18 -9.73
CA LEU B 130 -16.36 -3.06 -10.23
C LEU B 130 -15.23 -3.18 -9.23
N GLN B 131 -14.58 -4.34 -9.19
CA GLN B 131 -13.47 -4.50 -8.29
C GLN B 131 -12.21 -4.99 -8.98
N GLY B 132 -12.33 -5.79 -10.03
CA GLY B 132 -11.15 -6.22 -10.74
C GLY B 132 -11.49 -7.20 -11.83
N PHE B 133 -10.43 -7.66 -12.50
CA PHE B 133 -10.55 -8.60 -13.61
C PHE B 133 -9.74 -9.85 -13.30
N GLN B 134 -10.09 -10.95 -13.96
CA GLN B 134 -9.52 -12.25 -13.64
C GLN B 134 -9.45 -13.10 -14.90
N LEU B 135 -8.25 -13.51 -15.29
CA LEU B 135 -8.02 -14.23 -16.54
C LEU B 135 -7.46 -15.61 -16.24
N THR B 136 -7.61 -16.52 -17.21
CA THR B 136 -7.13 -17.88 -17.08
C THR B 136 -6.57 -18.33 -18.42
N HIS B 137 -5.26 -18.56 -18.47
CA HIS B 137 -4.55 -18.83 -19.72
C HIS B 137 -3.21 -19.45 -19.39
N SER B 138 -2.38 -19.68 -20.41
CA SER B 138 -1.01 -20.13 -20.26
C SER B 138 -0.07 -19.14 -20.93
N LEU B 139 1.22 -19.44 -20.87
CA LEU B 139 2.20 -18.56 -21.49
C LEU B 139 2.60 -19.07 -22.87
N GLY B 140 2.76 -20.39 -22.99
CA GLY B 140 3.27 -20.97 -24.21
C GLY B 140 2.20 -21.36 -25.20
N GLY B 141 1.01 -20.79 -25.07
CA GLY B 141 -0.11 -21.12 -25.94
C GLY B 141 -0.44 -19.98 -26.87
N GLY B 142 -0.95 -20.34 -28.05
CA GLY B 142 -1.29 -19.33 -29.03
C GLY B 142 -2.53 -18.55 -28.66
N THR B 143 -3.66 -19.24 -28.56
CA THR B 143 -4.91 -18.58 -28.20
C THR B 143 -5.02 -18.34 -26.70
N GLY B 144 -4.04 -18.80 -25.93
CA GLY B 144 -3.98 -18.43 -24.52
C GLY B 144 -3.25 -17.12 -24.31
N SER B 145 -2.05 -17.01 -24.86
CA SER B 145 -1.23 -15.82 -24.66
C SER B 145 -1.51 -14.72 -25.67
N GLY B 146 -1.94 -15.09 -26.88
CA GLY B 146 -2.15 -14.13 -27.95
C GLY B 146 -3.22 -13.10 -27.67
N MET B 147 -4.47 -13.54 -27.55
CA MET B 147 -5.50 -12.60 -27.11
C MET B 147 -5.38 -12.29 -25.64
N GLY B 148 -4.75 -13.20 -24.87
CA GLY B 148 -4.64 -13.01 -23.43
C GLY B 148 -3.81 -11.80 -23.07
N THR B 149 -2.82 -11.47 -23.90
CA THR B 149 -2.12 -10.21 -23.74
C THR B 149 -2.89 -9.07 -24.39
N LEU B 150 -3.57 -9.36 -25.51
CA LEU B 150 -4.27 -8.31 -26.22
C LEU B 150 -5.50 -7.83 -25.46
N LEU B 151 -6.18 -8.74 -24.77
CA LEU B 151 -7.38 -8.37 -24.04
C LEU B 151 -7.06 -7.51 -22.83
N ILE B 152 -5.99 -7.86 -22.10
CA ILE B 152 -5.68 -7.15 -20.87
C ILE B 152 -5.08 -5.78 -21.17
N SER B 153 -4.55 -5.60 -22.38
CA SER B 153 -3.99 -4.31 -22.76
C SER B 153 -5.09 -3.29 -22.96
N LYS B 154 -6.18 -3.67 -23.63
CA LYS B 154 -7.28 -2.76 -23.85
C LYS B 154 -8.05 -2.51 -22.55
N ILE B 155 -8.11 -3.51 -21.67
CA ILE B 155 -8.89 -3.38 -20.45
C ILE B 155 -8.21 -2.44 -19.46
N ARG B 156 -6.89 -2.59 -19.27
CA ARG B 156 -6.18 -1.71 -18.35
C ARG B 156 -6.11 -0.29 -18.87
N GLU B 157 -6.13 -0.13 -20.19
CA GLU B 157 -6.35 1.19 -20.76
C GLU B 157 -7.76 1.69 -20.46
N GLU B 158 -8.75 0.81 -20.51
CA GLU B 158 -10.13 1.21 -20.25
C GLU B 158 -10.45 1.27 -18.76
N TYR B 159 -9.80 0.45 -17.94
CA TYR B 159 -10.05 0.39 -16.51
C TYR B 159 -8.72 0.51 -15.79
N PRO B 160 -8.21 1.74 -15.63
CA PRO B 160 -6.88 1.88 -15.03
C PRO B 160 -6.85 1.68 -13.53
N ASP B 161 -7.99 1.43 -12.90
CA ASP B 161 -8.09 1.32 -11.46
C ASP B 161 -8.41 -0.09 -10.98
N ARG B 162 -8.82 -0.98 -11.87
CA ARG B 162 -9.24 -2.31 -11.47
C ARG B 162 -8.04 -3.22 -11.24
N ILE B 163 -8.27 -4.27 -10.46
CA ILE B 163 -7.20 -5.22 -10.16
C ILE B 163 -7.12 -6.24 -11.29
N MET B 164 -5.93 -6.37 -11.87
CA MET B 164 -5.74 -7.23 -13.02
C MET B 164 -4.98 -8.47 -12.57
N ASN B 165 -5.72 -9.46 -12.10
CA ASN B 165 -5.15 -10.74 -11.73
C ASN B 165 -5.35 -11.73 -12.87
N THR B 166 -4.45 -12.71 -12.94
CA THR B 166 -4.61 -13.79 -13.90
C THR B 166 -3.89 -15.03 -13.40
N PHE B 167 -4.38 -16.18 -13.82
CA PHE B 167 -3.81 -17.48 -13.47
C PHE B 167 -3.11 -17.99 -14.73
N SER B 168 -1.81 -18.15 -14.66
CA SER B 168 -1.01 -18.34 -15.86
C SER B 168 -0.17 -19.61 -15.74
N VAL B 169 -0.37 -20.51 -16.69
CA VAL B 169 0.32 -21.80 -16.73
C VAL B 169 1.64 -21.61 -17.44
N VAL B 170 2.72 -21.94 -16.77
CA VAL B 170 4.06 -21.66 -17.29
C VAL B 170 4.62 -22.92 -17.96
N PRO B 171 5.36 -22.79 -19.07
CA PRO B 171 6.07 -23.95 -19.64
C PRO B 171 7.10 -24.57 -18.71
N SER B 172 7.24 -25.88 -18.80
CA SER B 172 8.05 -26.65 -17.87
C SER B 172 9.43 -26.92 -18.44
N PRO B 173 10.41 -27.30 -17.61
CA PRO B 173 11.61 -27.96 -18.15
C PRO B 173 11.37 -29.39 -18.58
N LYS B 174 10.20 -29.96 -18.29
CA LYS B 174 9.87 -31.32 -18.70
C LYS B 174 9.28 -31.42 -20.09
N VAL B 175 8.14 -30.78 -20.34
CA VAL B 175 7.37 -31.00 -21.57
C VAL B 175 7.62 -29.84 -22.53
N SER B 176 7.92 -30.17 -23.77
CA SER B 176 7.80 -29.26 -24.90
C SER B 176 6.70 -29.83 -25.79
N ASP B 177 5.44 -29.46 -25.51
CA ASP B 177 4.31 -29.93 -26.31
C ASP B 177 4.41 -29.42 -27.74
N THR B 178 4.49 -28.11 -27.92
CA THR B 178 4.99 -27.52 -29.14
C THR B 178 6.35 -26.94 -28.85
N VAL B 179 7.15 -26.79 -29.91
CA VAL B 179 8.51 -26.30 -29.76
C VAL B 179 8.57 -24.79 -29.75
N VAL B 180 7.44 -24.12 -30.00
CA VAL B 180 7.40 -22.68 -30.13
C VAL B 180 7.04 -22.09 -28.76
N GLU B 181 6.97 -22.96 -27.75
CA GLU B 181 6.58 -22.55 -26.40
C GLU B 181 7.51 -21.53 -25.75
N PRO B 182 8.84 -21.55 -25.92
CA PRO B 182 9.63 -20.39 -25.47
C PRO B 182 9.41 -19.14 -26.30
N TYR B 183 8.91 -19.25 -27.53
CA TYR B 183 8.67 -18.05 -28.32
C TYR B 183 7.40 -17.37 -27.85
N ASN B 184 6.45 -18.14 -27.35
CA ASN B 184 5.18 -17.55 -26.92
C ASN B 184 5.31 -16.92 -25.54
N ALA B 185 6.19 -17.46 -24.70
CA ALA B 185 6.34 -16.95 -23.35
C ALA B 185 7.02 -15.60 -23.33
N THR B 186 8.05 -15.42 -24.17
CA THR B 186 8.83 -14.20 -24.16
C THR B 186 8.05 -13.03 -24.74
N LEU B 187 7.07 -13.31 -25.60
CA LEU B 187 6.22 -12.24 -26.08
C LEU B 187 5.15 -11.87 -25.05
N SER B 188 4.68 -12.83 -24.27
CA SER B 188 3.64 -12.54 -23.29
C SER B 188 4.18 -11.79 -22.09
N VAL B 189 5.41 -12.11 -21.67
CA VAL B 189 6.02 -11.44 -20.53
C VAL B 189 6.36 -10.00 -20.90
N HIS B 190 6.44 -9.71 -22.20
CA HIS B 190 6.55 -8.32 -22.65
C HIS B 190 5.26 -7.55 -22.42
N GLN B 191 4.16 -8.23 -22.12
CA GLN B 191 2.91 -7.57 -21.79
C GLN B 191 2.48 -7.77 -20.34
N LEU B 192 2.85 -8.90 -19.74
CA LEU B 192 2.30 -9.26 -18.43
C LEU B 192 2.92 -8.44 -17.31
N VAL B 193 4.16 -7.98 -17.51
CA VAL B 193 4.80 -7.14 -16.50
C VAL B 193 4.16 -5.76 -16.44
N GLU B 194 3.67 -5.27 -17.56
CA GLU B 194 3.33 -3.86 -17.70
C GLU B 194 1.83 -3.59 -17.64
N ASN B 195 1.00 -4.61 -17.76
CA ASN B 195 -0.43 -4.38 -17.89
C ASN B 195 -1.26 -5.08 -16.83
N THR B 196 -0.65 -5.90 -15.98
CA THR B 196 -1.37 -6.49 -14.86
C THR B 196 -0.84 -5.94 -13.55
N ASP B 197 -1.63 -6.14 -12.50
CA ASP B 197 -1.19 -5.81 -11.15
C ASP B 197 -0.62 -7.01 -10.42
N GLU B 198 -0.97 -8.22 -10.86
CA GLU B 198 -0.45 -9.45 -10.27
C GLU B 198 -0.72 -10.60 -11.24
N THR B 199 -0.08 -11.74 -10.98
CA THR B 199 -0.39 -12.98 -11.65
C THR B 199 0.11 -14.13 -10.79
N TYR B 200 -0.17 -15.34 -11.26
CA TYR B 200 0.27 -16.55 -10.57
C TYR B 200 0.94 -17.47 -11.57
N CYS B 201 2.21 -17.75 -11.34
CA CYS B 201 2.95 -18.70 -12.16
C CYS B 201 2.60 -20.10 -11.69
N ILE B 202 2.28 -20.98 -12.64
CA ILE B 202 1.84 -22.34 -12.38
C ILE B 202 2.53 -23.23 -13.40
N ASP B 203 3.14 -24.31 -12.95
CA ASP B 203 3.67 -25.33 -13.85
C ASP B 203 2.77 -26.54 -13.76
N ASN B 204 2.61 -27.24 -14.89
CA ASN B 204 1.97 -28.55 -14.89
C ASN B 204 2.82 -29.56 -14.14
N GLU B 205 4.14 -29.40 -14.22
CA GLU B 205 5.07 -30.39 -13.67
C GLU B 205 5.02 -30.46 -12.15
N ALA B 206 4.87 -29.32 -11.47
CA ALA B 206 4.73 -29.37 -10.02
C ALA B 206 3.41 -29.97 -9.60
N LEU B 207 2.34 -29.75 -10.37
CA LEU B 207 1.08 -30.41 -10.08
C LEU B 207 1.16 -31.89 -10.39
N TYR B 208 1.97 -32.26 -11.37
CA TYR B 208 2.29 -33.67 -11.57
C TYR B 208 3.02 -34.23 -10.37
N ASP B 209 3.89 -33.43 -9.76
CA ASP B 209 4.60 -33.86 -8.57
C ASP B 209 3.66 -33.98 -7.37
N ILE B 210 2.73 -33.03 -7.26
CA ILE B 210 1.87 -32.97 -6.08
C ILE B 210 0.88 -34.12 -6.05
N CYS B 211 0.29 -34.45 -7.20
CA CYS B 211 -0.63 -35.60 -7.24
C CYS B 211 0.12 -36.92 -7.19
N PHE B 212 1.44 -36.89 -7.37
CA PHE B 212 2.26 -38.08 -7.23
C PHE B 212 2.80 -38.27 -5.83
N ARG B 213 3.45 -37.25 -5.27
CA ARG B 213 4.15 -37.46 -4.00
C ARG B 213 3.31 -37.10 -2.79
N THR B 214 2.28 -36.28 -2.97
CA THR B 214 1.38 -35.96 -1.86
C THR B 214 0.03 -36.63 -1.97
N LEU B 215 -0.68 -36.45 -3.07
CA LEU B 215 -1.98 -37.10 -3.24
C LEU B 215 -1.86 -38.57 -3.61
N LYS B 216 -0.67 -39.00 -4.04
CA LYS B 216 -0.35 -40.40 -4.36
C LYS B 216 -1.24 -40.96 -5.46
N LEU B 217 -1.73 -40.09 -6.33
CA LEU B 217 -2.64 -40.54 -7.36
C LEU B 217 -1.85 -40.96 -8.59
N THR B 218 -2.35 -42.00 -9.26
CA THR B 218 -1.55 -42.70 -10.27
C THR B 218 -1.42 -41.90 -11.57
N THR B 219 -2.55 -41.59 -12.19
CA THR B 219 -2.54 -40.90 -13.46
C THR B 219 -3.22 -39.55 -13.29
N PRO B 220 -2.48 -38.50 -12.96
CA PRO B 220 -3.11 -37.20 -12.76
C PRO B 220 -3.56 -36.59 -14.07
N THR B 221 -4.85 -36.65 -14.34
CA THR B 221 -5.43 -36.14 -15.57
C THR B 221 -5.54 -34.62 -15.49
N TYR B 222 -5.97 -34.04 -16.60
CA TYR B 222 -6.18 -32.59 -16.64
C TYR B 222 -7.39 -32.19 -15.80
N GLY B 223 -8.28 -33.13 -15.51
CA GLY B 223 -9.34 -32.85 -14.57
C GLY B 223 -8.82 -32.65 -13.16
N ASP B 224 -7.78 -33.40 -12.79
CA ASP B 224 -7.29 -33.37 -11.41
C ASP B 224 -6.47 -32.11 -11.15
N LEU B 225 -5.59 -31.74 -12.09
CA LEU B 225 -4.74 -30.58 -11.90
C LEU B 225 -5.56 -29.30 -11.94
N ASN B 226 -6.55 -29.25 -12.83
CA ASN B 226 -7.43 -28.09 -12.87
C ASN B 226 -8.37 -28.06 -11.68
N HIS B 227 -8.66 -29.21 -11.08
CA HIS B 227 -9.29 -29.23 -9.77
C HIS B 227 -8.33 -28.68 -8.72
N LEU B 228 -7.03 -28.95 -8.89
CA LEU B 228 -6.05 -28.58 -7.89
C LEU B 228 -5.76 -27.09 -7.90
N VAL B 229 -5.68 -26.48 -9.09
CA VAL B 229 -5.36 -25.06 -9.15
C VAL B 229 -6.58 -24.22 -8.80
N SER B 230 -7.78 -24.77 -9.03
CA SER B 230 -9.00 -24.01 -8.78
C SER B 230 -9.27 -23.83 -7.29
N ALA B 231 -8.67 -24.68 -6.46
CA ALA B 231 -8.82 -24.50 -5.02
C ALA B 231 -8.14 -23.24 -4.53
N THR B 232 -6.99 -22.89 -5.13
CA THR B 232 -6.33 -21.65 -4.75
C THR B 232 -7.04 -20.45 -5.35
N MET B 233 -7.77 -20.65 -6.46
CA MET B 233 -8.55 -19.56 -7.05
C MET B 233 -9.66 -19.14 -6.12
N SER B 234 -10.41 -20.10 -5.59
CA SER B 234 -11.39 -19.79 -4.55
C SER B 234 -10.70 -19.42 -3.25
N GLY B 235 -9.49 -19.93 -3.05
CA GLY B 235 -8.74 -19.64 -1.84
C GLY B 235 -8.31 -18.20 -1.73
N VAL B 236 -8.18 -17.52 -2.86
CA VAL B 236 -7.82 -16.11 -2.85
C VAL B 236 -9.01 -15.23 -2.52
N THR B 237 -10.15 -15.49 -3.15
CA THR B 237 -11.18 -14.46 -3.23
C THR B 237 -12.24 -14.62 -2.15
N THR B 238 -12.38 -15.82 -1.59
CA THR B 238 -13.53 -16.07 -0.70
C THR B 238 -13.36 -15.44 0.67
N CYS B 239 -12.16 -14.93 0.99
CA CYS B 239 -12.02 -14.16 2.21
C CYS B 239 -12.65 -12.79 2.06
N LEU B 240 -12.71 -12.27 0.83
CA LEU B 240 -13.41 -11.02 0.57
C LEU B 240 -14.91 -11.18 0.67
N ARG B 241 -15.40 -12.39 0.42
CA ARG B 241 -16.83 -12.65 0.31
C ARG B 241 -17.37 -13.14 1.65
N PHE B 242 -16.81 -14.22 2.15
CA PHE B 242 -17.27 -14.76 3.41
C PHE B 242 -16.71 -13.93 4.56
N PRO B 243 -17.38 -13.92 5.72
CA PRO B 243 -16.83 -13.15 6.86
C PRO B 243 -15.54 -13.74 7.39
N GLY B 244 -14.70 -12.90 7.97
CA GLY B 244 -13.43 -13.37 8.48
C GLY B 244 -12.94 -12.43 9.56
N GLN B 245 -11.84 -12.83 10.19
CA GLN B 245 -11.21 -11.96 11.17
C GLN B 245 -10.44 -10.85 10.46
N LEU B 246 -9.43 -11.23 9.69
CA LEU B 246 -8.73 -10.28 8.83
C LEU B 246 -9.18 -10.40 7.37
N ASN B 247 -10.35 -9.86 7.04
CA ASN B 247 -10.79 -9.84 5.66
C ASN B 247 -9.94 -8.87 4.85
N ALA B 248 -9.31 -9.37 3.78
CA ALA B 248 -8.37 -8.58 3.00
C ALA B 248 -8.78 -8.60 1.53
N ASP B 249 -8.80 -7.42 0.93
CA ASP B 249 -9.06 -7.28 -0.50
C ASP B 249 -7.88 -7.83 -1.31
N LEU B 250 -8.11 -8.05 -2.61
CA LEU B 250 -7.01 -8.29 -3.53
C LEU B 250 -6.03 -7.14 -3.55
N ARG B 251 -6.54 -5.91 -3.45
CA ARG B 251 -5.66 -4.75 -3.33
C ARG B 251 -4.92 -4.76 -2.00
N LYS B 252 -5.54 -5.31 -0.96
CA LYS B 252 -4.84 -5.48 0.30
C LYS B 252 -3.77 -6.56 0.18
N LEU B 253 -3.93 -7.50 -0.76
CA LEU B 253 -2.80 -8.33 -1.12
C LEU B 253 -1.82 -7.56 -1.98
N ALA B 254 -2.33 -6.72 -2.88
CA ALA B 254 -1.49 -6.09 -3.89
C ALA B 254 -0.53 -5.08 -3.29
N VAL B 255 -0.99 -4.33 -2.28
CA VAL B 255 -0.08 -3.41 -1.61
C VAL B 255 0.82 -4.16 -0.64
N ASN B 256 0.53 -5.42 -0.37
CA ASN B 256 1.33 -6.19 0.57
C ASN B 256 2.37 -7.06 -0.11
N MET B 257 2.23 -7.31 -1.39
CA MET B 257 3.09 -8.27 -2.07
C MET B 257 3.94 -7.66 -3.16
N VAL B 258 3.79 -6.38 -3.46
CA VAL B 258 4.48 -5.73 -4.57
C VAL B 258 5.36 -4.63 -4.00
N PRO B 259 6.61 -4.92 -3.67
CA PRO B 259 7.51 -3.88 -3.15
C PRO B 259 8.06 -3.00 -4.24
N PHE B 260 8.04 -3.49 -5.46
CA PHE B 260 8.60 -2.81 -6.60
C PHE B 260 7.65 -3.02 -7.77
N PRO B 261 7.32 -1.98 -8.56
CA PRO B 261 6.14 -2.06 -9.45
C PRO B 261 6.20 -3.07 -10.59
N ARG B 262 7.30 -3.81 -10.75
CA ARG B 262 7.33 -4.82 -11.78
C ARG B 262 7.27 -6.24 -11.23
N LEU B 263 7.46 -6.44 -9.93
CA LEU B 263 7.58 -7.77 -9.35
C LEU B 263 6.26 -8.17 -8.72
N HIS B 264 5.45 -8.90 -9.47
CA HIS B 264 4.11 -9.26 -9.03
C HIS B 264 3.76 -10.69 -9.45
N PHE B 265 4.75 -11.56 -9.48
CA PHE B 265 4.58 -12.95 -9.87
C PHE B 265 4.63 -13.82 -8.63
N PHE B 266 3.68 -14.75 -8.52
CA PHE B 266 3.50 -15.48 -7.27
C PHE B 266 3.47 -16.98 -7.51
N MET B 267 3.81 -17.71 -6.45
CA MET B 267 3.77 -19.18 -6.41
C MET B 267 2.71 -19.58 -5.40
N PRO B 268 1.48 -19.79 -5.85
CA PRO B 268 0.43 -20.19 -4.91
C PRO B 268 0.61 -21.63 -4.48
N GLY B 269 -0.07 -21.98 -3.39
CA GLY B 269 0.03 -23.31 -2.84
C GLY B 269 -1.05 -23.61 -1.83
N PHE B 270 -1.72 -24.75 -2.00
CA PHE B 270 -2.78 -25.15 -1.09
C PHE B 270 -2.20 -25.92 0.08
N ALA B 271 -2.65 -25.60 1.28
CA ALA B 271 -2.07 -26.22 2.46
C ALA B 271 -2.57 -27.63 2.77
N PRO B 272 -3.89 -27.93 2.95
CA PRO B 272 -4.22 -29.24 3.51
C PRO B 272 -4.34 -30.33 2.46
N LEU B 273 -3.32 -30.46 1.60
CA LEU B 273 -3.32 -31.48 0.56
C LEU B 273 -3.07 -32.83 1.22
N THR B 274 -4.08 -33.69 1.20
CA THR B 274 -3.99 -34.96 1.89
C THR B 274 -4.41 -36.07 0.96
N SER B 275 -3.88 -37.26 1.21
CA SER B 275 -4.36 -38.45 0.52
C SER B 275 -5.58 -38.99 1.22
N ARG B 276 -6.11 -40.10 0.68
CA ARG B 276 -7.26 -40.73 1.31
C ARG B 276 -6.86 -41.68 2.42
N GLY B 277 -5.56 -41.80 2.70
CA GLY B 277 -5.09 -42.60 3.81
C GLY B 277 -4.56 -41.74 4.94
N ALA B 283 -3.01 -35.52 11.18
CA ALA B 283 -3.75 -34.52 11.93
C ALA B 283 -4.02 -33.29 11.09
N LEU B 284 -4.71 -32.31 11.66
CA LEU B 284 -5.03 -31.06 10.98
C LEU B 284 -5.08 -29.94 11.99
N THR B 285 -3.95 -29.25 12.16
CA THR B 285 -3.87 -28.06 12.99
C THR B 285 -3.23 -26.96 12.17
N VAL B 286 -3.09 -25.80 12.79
CA VAL B 286 -2.35 -24.70 12.15
C VAL B 286 -0.85 -24.99 12.04
N PRO B 287 -0.17 -25.59 13.03
CA PRO B 287 1.20 -26.06 12.74
C PRO B 287 1.26 -27.19 11.73
N GLU B 288 0.20 -27.98 11.61
CA GLU B 288 0.14 -28.95 10.52
C GLU B 288 0.03 -28.24 9.18
N LEU B 289 -0.75 -27.17 9.12
CA LEU B 289 -1.00 -26.48 7.86
C LEU B 289 0.25 -25.75 7.38
N THR B 290 0.88 -24.98 8.27
CA THR B 290 1.95 -24.08 7.85
C THR B 290 3.20 -24.82 7.44
N GLN B 291 3.40 -26.05 7.94
CA GLN B 291 4.51 -26.86 7.46
C GLN B 291 4.27 -27.30 6.02
N GLN B 292 3.04 -27.66 5.69
CA GLN B 292 2.66 -27.87 4.31
C GLN B 292 2.71 -26.60 3.49
N MET B 293 2.48 -25.44 4.12
CA MET B 293 2.66 -24.17 3.42
C MET B 293 4.13 -23.91 3.13
N PHE B 294 4.99 -24.13 4.10
CA PHE B 294 6.41 -23.83 3.96
C PHE B 294 7.11 -24.78 2.98
N ASP B 295 6.56 -25.98 2.80
CA ASP B 295 7.27 -27.05 2.12
C ASP B 295 7.48 -26.77 0.65
N ALA B 296 8.65 -27.16 0.14
CA ALA B 296 8.99 -26.91 -1.25
C ALA B 296 8.23 -27.83 -2.19
N LYS B 297 7.73 -28.96 -1.69
CA LYS B 297 7.00 -29.90 -2.52
C LYS B 297 5.62 -29.33 -2.86
N ASN B 298 5.06 -28.51 -1.97
CA ASN B 298 3.76 -27.90 -2.20
C ASN B 298 3.84 -26.68 -3.10
N MET B 299 5.04 -26.27 -3.48
CA MET B 299 5.22 -25.16 -4.39
C MET B 299 4.75 -25.54 -5.78
N MET B 300 3.64 -24.94 -6.21
CA MET B 300 3.04 -25.28 -7.49
C MET B 300 3.79 -24.71 -8.69
N ALA B 301 4.90 -24.02 -8.46
CA ALA B 301 5.85 -23.69 -9.52
C ALA B 301 7.04 -24.62 -9.40
N ALA B 302 7.66 -24.93 -10.55
CA ALA B 302 8.81 -25.82 -10.55
C ALA B 302 10.09 -25.08 -10.19
N CYS B 303 10.16 -24.59 -8.96
CA CYS B 303 11.33 -23.87 -8.48
C CYS B 303 11.65 -24.35 -7.08
N ASP B 304 12.91 -24.25 -6.70
CA ASP B 304 13.30 -24.51 -5.33
C ASP B 304 13.27 -23.20 -4.56
N PRO B 305 12.26 -22.97 -3.72
CA PRO B 305 12.20 -21.70 -2.99
C PRO B 305 13.27 -21.57 -1.94
N ARG B 306 13.77 -22.68 -1.42
CA ARG B 306 14.92 -22.64 -0.53
C ARG B 306 16.20 -22.29 -1.25
N HIS B 307 16.25 -22.53 -2.56
CA HIS B 307 17.38 -22.02 -3.34
C HIS B 307 17.24 -20.52 -3.57
N GLY B 308 16.00 -20.04 -3.70
CA GLY B 308 15.72 -18.63 -3.72
C GLY B 308 15.62 -18.04 -2.32
N ARG B 309 15.14 -16.80 -2.27
CA ARG B 309 14.81 -16.17 -1.00
C ARG B 309 13.50 -15.42 -1.15
N TYR B 310 12.73 -15.37 -0.07
CA TYR B 310 11.38 -14.83 -0.12
C TYR B 310 11.38 -13.32 0.07
N LEU B 311 10.51 -12.64 -0.66
CA LEU B 311 10.23 -11.25 -0.36
C LEU B 311 9.01 -11.10 0.54
N THR B 312 7.84 -11.50 0.05
CA THR B 312 6.59 -11.39 0.78
C THR B 312 5.81 -12.69 0.66
N VAL B 313 5.14 -13.08 1.74
CA VAL B 313 4.33 -14.28 1.78
C VAL B 313 2.93 -13.90 2.24
N ALA B 314 1.92 -14.27 1.45
CA ALA B 314 0.53 -14.10 1.84
C ALA B 314 0.00 -15.44 2.33
N ALA B 315 -0.58 -15.44 3.53
CA ALA B 315 -1.09 -16.66 4.16
C ALA B 315 -2.58 -16.47 4.40
N VAL B 316 -3.37 -16.78 3.40
CA VAL B 316 -4.83 -16.71 3.52
C VAL B 316 -5.29 -17.99 4.20
N PHE B 317 -6.21 -17.86 5.15
CA PHE B 317 -6.67 -19.00 5.93
C PHE B 317 -8.19 -19.13 5.80
N ARG B 318 -8.70 -20.32 6.08
CA ARG B 318 -10.13 -20.59 6.01
C ARG B 318 -10.52 -21.47 7.19
N GLY B 319 -11.46 -21.00 8.00
CA GLY B 319 -12.02 -21.80 9.07
C GLY B 319 -11.89 -21.14 10.43
N ARG B 320 -12.42 -21.84 11.43
CA ARG B 320 -12.37 -21.39 12.81
C ARG B 320 -11.01 -21.74 13.39
N MET B 321 -10.15 -20.74 13.52
CA MET B 321 -8.82 -20.92 14.07
C MET B 321 -8.51 -19.78 15.02
N SER B 322 -7.91 -20.11 16.16
CA SER B 322 -7.45 -19.08 17.08
C SER B 322 -6.29 -18.31 16.46
N MET B 323 -6.29 -16.99 16.65
CA MET B 323 -5.34 -16.12 15.98
C MET B 323 -3.91 -16.34 16.47
N LYS B 324 -3.71 -16.40 17.78
CA LYS B 324 -2.39 -16.61 18.34
C LYS B 324 -1.83 -17.97 17.95
N GLU B 325 -2.72 -18.97 17.84
CA GLU B 325 -2.33 -20.27 17.31
C GLU B 325 -1.81 -20.17 15.88
N VAL B 326 -2.34 -19.23 15.10
CA VAL B 326 -1.79 -18.99 13.78
C VAL B 326 -0.51 -18.16 13.86
N ASP B 327 -0.57 -17.01 14.52
CA ASP B 327 0.44 -16.00 14.28
C ASP B 327 1.76 -16.33 14.97
N GLU B 328 1.68 -17.00 16.14
CA GLU B 328 2.90 -17.51 16.75
C GLU B 328 3.53 -18.58 15.87
N GLN B 329 2.69 -19.46 15.32
CA GLN B 329 3.16 -20.44 14.35
C GLN B 329 3.63 -19.77 13.08
N MET B 330 2.97 -18.67 12.70
CA MET B 330 3.46 -17.84 11.62
C MET B 330 4.81 -17.22 11.96
N LEU B 331 4.99 -16.84 13.23
CA LEU B 331 6.23 -16.20 13.65
C LEU B 331 7.38 -17.20 13.65
N ASN B 332 7.08 -18.46 13.96
CA ASN B 332 8.11 -19.49 14.03
C ASN B 332 8.69 -19.79 12.65
N VAL B 333 7.91 -19.55 11.60
CA VAL B 333 8.38 -19.78 10.24
C VAL B 333 9.50 -18.81 9.90
N GLN B 334 9.37 -17.56 10.34
CA GLN B 334 10.45 -16.61 10.14
C GLN B 334 11.62 -16.88 11.07
N ASN B 335 11.34 -17.53 12.21
CA ASN B 335 12.41 -17.77 13.18
C ASN B 335 13.33 -18.90 12.77
N LYS B 336 12.82 -19.93 12.11
CA LYS B 336 13.67 -21.07 11.77
C LYS B 336 14.63 -20.73 10.63
N ASN B 337 14.10 -20.24 9.51
CA ASN B 337 14.92 -19.83 8.38
C ASN B 337 14.75 -18.33 8.19
N SER B 338 15.52 -17.56 8.94
CA SER B 338 15.50 -16.12 8.75
C SER B 338 16.36 -15.70 7.56
N SER B 339 17.27 -16.55 7.12
CA SER B 339 18.02 -16.30 5.90
C SER B 339 17.14 -16.40 4.66
N TYR B 340 16.05 -17.16 4.73
CA TYR B 340 15.20 -17.41 3.58
C TYR B 340 14.36 -16.20 3.22
N PHE B 341 14.25 -15.23 4.11
CA PHE B 341 13.53 -14.00 3.86
C PHE B 341 14.52 -12.88 3.66
N VAL B 342 14.08 -11.83 3.01
CA VAL B 342 14.95 -10.70 2.73
C VAL B 342 15.08 -9.83 3.97
N GLU B 343 16.22 -9.18 4.12
CA GLU B 343 16.58 -8.48 5.36
C GLU B 343 15.90 -7.14 5.51
N TRP B 344 15.62 -6.44 4.40
CA TRP B 344 15.13 -5.07 4.51
C TRP B 344 13.63 -5.03 4.77
N ILE B 345 13.00 -6.20 4.94
CA ILE B 345 11.59 -6.28 5.30
C ILE B 345 11.52 -7.00 6.63
N PRO B 346 11.14 -6.32 7.72
CA PRO B 346 11.17 -6.97 9.04
C PRO B 346 10.14 -8.06 9.22
N ASN B 347 8.87 -7.80 8.91
CA ASN B 347 7.88 -8.85 8.86
C ASN B 347 7.61 -9.13 7.39
N ASN B 348 8.00 -10.31 6.94
CA ASN B 348 7.89 -10.68 5.54
C ASN B 348 6.60 -11.39 5.20
N VAL B 349 5.75 -11.71 6.18
CA VAL B 349 4.59 -12.56 5.93
C VAL B 349 3.34 -11.83 6.40
N LYS B 350 2.30 -11.85 5.57
CA LYS B 350 0.98 -11.34 5.88
C LYS B 350 0.01 -12.50 6.07
N THR B 351 -0.84 -12.41 7.10
CA THR B 351 -1.90 -13.39 7.30
C THR B 351 -3.25 -12.80 6.88
N ALA B 352 -4.24 -13.69 6.74
CA ALA B 352 -5.63 -13.36 6.47
C ALA B 352 -6.44 -14.60 6.86
N VAL B 353 -7.39 -14.43 7.76
CA VAL B 353 -8.15 -15.58 8.27
C VAL B 353 -9.63 -15.38 7.96
N CYS B 354 -10.19 -16.31 7.20
CA CYS B 354 -11.62 -16.36 6.94
C CYS B 354 -12.25 -17.31 7.94
N ASP B 355 -13.44 -16.96 8.42
CA ASP B 355 -14.12 -17.79 9.41
C ASP B 355 -14.65 -19.07 8.80
N ILE B 356 -14.91 -19.04 7.50
CA ILE B 356 -15.62 -20.16 6.87
C ILE B 356 -14.63 -21.05 6.12
N PRO B 357 -14.56 -22.32 6.47
CA PRO B 357 -13.75 -23.25 5.70
C PRO B 357 -14.52 -23.79 4.51
N PRO B 358 -13.86 -24.41 3.54
CA PRO B 358 -14.60 -25.11 2.49
C PRO B 358 -15.22 -26.39 3.01
N ARG B 359 -16.03 -26.99 2.15
CA ARG B 359 -16.81 -28.17 2.53
C ARG B 359 -15.89 -29.37 2.75
N GLY B 360 -16.16 -30.11 3.82
CA GLY B 360 -15.35 -31.27 4.18
C GLY B 360 -14.27 -30.98 5.19
N LEU B 361 -13.30 -30.15 4.83
CA LEU B 361 -12.18 -29.89 5.72
C LEU B 361 -12.48 -28.74 6.67
N LYS B 362 -12.09 -28.92 7.93
CA LYS B 362 -12.35 -27.89 8.93
C LYS B 362 -11.38 -26.71 8.80
N MET B 363 -10.22 -26.93 8.21
CA MET B 363 -9.25 -25.87 7.99
C MET B 363 -8.72 -25.97 6.58
N SER B 364 -8.31 -24.83 6.03
CA SER B 364 -7.45 -24.81 4.86
C SER B 364 -6.72 -23.49 4.85
N ALA B 365 -5.49 -23.51 4.36
CA ALA B 365 -4.72 -22.29 4.22
C ALA B 365 -4.18 -22.23 2.80
N THR B 366 -3.63 -21.07 2.44
CA THR B 366 -3.12 -20.87 1.10
C THR B 366 -1.82 -20.07 1.17
N PHE B 367 -0.73 -20.74 0.83
CA PHE B 367 0.57 -20.10 0.71
C PHE B 367 0.58 -19.36 -0.62
N ILE B 368 0.88 -18.07 -0.58
CA ILE B 368 1.11 -17.27 -1.77
C ILE B 368 2.41 -16.51 -1.51
N GLY B 369 3.45 -16.85 -2.24
CA GLY B 369 4.77 -16.31 -1.98
C GLY B 369 5.33 -15.57 -3.18
N ASN B 370 6.22 -14.62 -2.90
CA ASN B 370 6.98 -13.90 -3.91
C ASN B 370 8.45 -14.11 -3.62
N SER B 371 9.02 -15.17 -4.17
CA SER B 371 10.41 -15.51 -3.89
C SER B 371 11.33 -15.02 -4.99
N THR B 372 12.63 -15.08 -4.70
CA THR B 372 13.64 -14.88 -5.72
C THR B 372 13.99 -16.17 -6.44
N ALA B 373 13.17 -17.22 -6.29
CA ALA B 373 13.38 -18.43 -7.07
C ALA B 373 12.80 -18.32 -8.47
N ILE B 374 12.05 -17.27 -8.75
CA ILE B 374 11.33 -17.17 -10.01
C ILE B 374 12.27 -16.77 -11.14
N GLN B 375 13.44 -16.23 -10.81
CA GLN B 375 14.46 -15.97 -11.82
C GLN B 375 14.99 -17.25 -12.45
N GLU B 376 14.83 -18.39 -11.77
CA GLU B 376 15.20 -19.67 -12.36
C GLU B 376 14.29 -20.02 -13.53
N LEU B 377 12.99 -19.88 -13.35
CA LEU B 377 12.05 -20.16 -14.43
C LEU B 377 12.18 -19.14 -15.55
N PHE B 378 12.64 -17.93 -15.24
CA PHE B 378 12.94 -16.97 -16.29
C PHE B 378 14.22 -17.35 -17.01
N LYS B 379 15.11 -18.08 -16.35
CA LYS B 379 16.33 -18.51 -17.01
C LYS B 379 16.06 -19.65 -17.98
N ARG B 380 15.02 -20.45 -17.74
CA ARG B 380 14.68 -21.53 -18.67
C ARG B 380 14.18 -20.97 -19.99
N ILE B 381 13.38 -19.90 -19.92
CA ILE B 381 12.79 -19.36 -21.13
C ILE B 381 13.82 -18.59 -21.93
N SER B 382 14.68 -17.84 -21.23
CA SER B 382 15.67 -17.02 -21.92
C SER B 382 16.75 -17.87 -22.56
N GLU B 383 17.18 -18.93 -21.90
CA GLU B 383 18.16 -19.84 -22.49
C GLU B 383 17.55 -20.61 -23.66
N GLN B 384 16.26 -20.96 -23.54
CA GLN B 384 15.57 -21.54 -24.68
C GLN B 384 15.31 -20.51 -25.76
N PHE B 385 15.30 -19.23 -25.40
CA PHE B 385 15.16 -18.20 -26.42
C PHE B 385 16.43 -18.06 -27.23
N THR B 386 17.58 -18.24 -26.58
CA THR B 386 18.86 -17.89 -27.18
C THR B 386 19.23 -18.82 -28.33
N ALA B 387 19.19 -20.13 -28.08
CA ALA B 387 19.62 -21.09 -29.08
C ALA B 387 18.65 -21.14 -30.25
N MET B 388 17.38 -20.87 -30.00
CA MET B 388 16.42 -20.87 -31.10
C MET B 388 16.53 -19.60 -31.94
N PHE B 389 16.91 -18.49 -31.31
CA PHE B 389 17.02 -17.25 -32.05
C PHE B 389 18.27 -17.20 -32.91
N ARG B 390 19.29 -17.96 -32.53
CA ARG B 390 20.51 -18.03 -33.33
C ARG B 390 20.23 -18.66 -34.69
N ARG B 391 19.58 -19.81 -34.70
CA ARG B 391 19.13 -20.43 -35.92
C ARG B 391 17.97 -19.68 -36.57
N LYS B 392 17.27 -18.84 -35.80
CA LYS B 392 15.94 -18.32 -36.14
C LYS B 392 15.00 -19.47 -36.51
N ALA B 393 15.03 -20.52 -35.71
CA ALA B 393 14.40 -21.78 -36.09
C ALA B 393 12.89 -21.69 -35.94
N PHE B 394 12.20 -21.99 -37.04
CA PHE B 394 10.75 -21.94 -37.18
C PHE B 394 10.22 -20.56 -36.80
N LEU B 395 10.93 -19.52 -37.25
CA LEU B 395 10.57 -18.15 -36.97
C LEU B 395 9.80 -17.51 -38.10
N HIS B 396 9.94 -18.04 -39.33
CA HIS B 396 9.40 -17.41 -40.53
C HIS B 396 7.88 -17.37 -40.56
N TRP B 397 7.22 -18.14 -39.69
CA TRP B 397 5.78 -17.98 -39.49
C TRP B 397 5.47 -16.60 -38.90
N TYR B 398 6.18 -16.22 -37.84
CA TYR B 398 5.93 -14.94 -37.19
C TYR B 398 6.43 -13.77 -38.01
N THR B 399 7.60 -13.90 -38.65
CA THR B 399 8.04 -12.88 -39.58
C THR B 399 7.13 -12.77 -40.78
N GLY B 400 6.57 -13.90 -41.21
CA GLY B 400 5.49 -13.86 -42.18
C GLY B 400 4.22 -13.24 -41.64
N GLU B 401 4.04 -13.23 -40.33
CA GLU B 401 2.88 -12.59 -39.74
C GLU B 401 3.14 -11.14 -39.38
N GLY B 402 4.37 -10.67 -39.54
CA GLY B 402 4.64 -9.26 -39.33
C GLY B 402 5.29 -8.93 -38.01
N MET B 403 6.24 -9.75 -37.59
CA MET B 403 6.96 -9.54 -36.34
C MET B 403 8.43 -9.34 -36.65
N ASP B 404 9.04 -8.35 -36.01
CA ASP B 404 10.43 -7.99 -36.28
C ASP B 404 11.34 -8.62 -35.22
N GLU B 405 12.58 -8.93 -35.64
CA GLU B 405 13.55 -9.56 -34.75
C GLU B 405 13.95 -8.64 -33.62
N MET B 406 13.93 -7.32 -33.86
CA MET B 406 14.20 -6.36 -32.80
C MET B 406 13.14 -6.43 -31.72
N GLU B 407 11.88 -6.66 -32.10
CA GLU B 407 10.80 -6.81 -31.14
C GLU B 407 11.01 -8.03 -30.26
N PHE B 408 11.47 -9.12 -30.85
CA PHE B 408 11.85 -10.29 -30.06
C PHE B 408 13.08 -10.00 -29.22
N THR B 409 14.03 -9.24 -29.77
CA THR B 409 15.21 -8.85 -29.01
C THR B 409 14.83 -7.90 -27.88
N GLU B 410 13.85 -7.03 -28.12
CA GLU B 410 13.42 -6.13 -27.06
C GLU B 410 12.52 -6.86 -26.07
N ALA B 411 11.94 -7.99 -26.49
CA ALA B 411 11.17 -8.79 -25.56
C ALA B 411 12.06 -9.51 -24.56
N GLU B 412 13.16 -10.10 -25.04
CA GLU B 412 14.00 -10.90 -24.16
C GLU B 412 14.82 -10.02 -23.23
N SER B 413 15.22 -8.84 -23.71
CA SER B 413 16.01 -7.93 -22.89
C SER B 413 15.16 -7.36 -21.76
N ASN B 414 13.91 -7.04 -22.08
CA ASN B 414 12.95 -6.67 -21.05
C ASN B 414 12.69 -7.84 -20.11
N MET B 415 12.66 -9.06 -20.65
CA MET B 415 12.66 -10.24 -19.79
C MET B 415 13.98 -10.35 -19.03
N ASN B 416 15.11 -10.05 -19.67
CA ASN B 416 16.39 -10.08 -18.99
C ASN B 416 16.51 -8.96 -17.96
N ASP B 417 15.77 -7.86 -18.18
CA ASP B 417 15.63 -6.86 -17.13
C ASP B 417 14.97 -7.43 -15.90
N LEU B 418 13.98 -8.31 -16.11
CA LEU B 418 13.24 -8.88 -15.00
C LEU B 418 14.06 -9.91 -14.23
N VAL B 419 14.97 -10.61 -14.91
CA VAL B 419 15.86 -11.53 -14.24
C VAL B 419 16.82 -10.78 -13.32
N SER B 420 17.32 -9.64 -13.80
CA SER B 420 18.38 -8.93 -13.09
C SER B 420 17.85 -8.27 -11.82
N GLU B 421 16.53 -8.13 -11.69
CA GLU B 421 15.98 -7.59 -10.45
C GLU B 421 16.08 -8.59 -9.32
N TYR B 422 15.76 -9.85 -9.60
CA TYR B 422 15.67 -10.84 -8.52
C TYR B 422 17.04 -11.23 -7.99
N GLN B 423 18.05 -11.28 -8.85
CA GLN B 423 19.41 -11.50 -8.36
C GLN B 423 19.91 -10.33 -7.53
N GLN B 424 19.52 -9.12 -7.93
CA GLN B 424 19.86 -7.92 -7.18
C GLN B 424 19.26 -7.95 -5.78
N TYR B 425 18.02 -8.37 -5.67
CA TYR B 425 17.33 -8.37 -4.38
C TYR B 425 17.48 -9.66 -3.62
N GLN B 426 18.12 -10.68 -4.20
CA GLN B 426 18.33 -11.93 -3.46
C GLN B 426 19.38 -11.75 -2.38
N ASP B 427 20.46 -11.05 -2.69
CA ASP B 427 21.53 -10.85 -1.73
C ASP B 427 22.11 -9.45 -1.84
N ASN C 17 30.47 10.40 -14.11
CA ASN C 17 31.42 10.59 -13.00
C ASN C 17 30.84 10.07 -11.70
N GLN C 18 31.70 9.94 -10.69
CA GLN C 18 31.31 9.30 -9.44
C GLN C 18 30.49 10.25 -8.57
N ASN C 19 30.75 11.55 -8.67
CA ASN C 19 30.13 12.54 -7.81
C ASN C 19 29.03 13.26 -8.57
N ILE C 20 27.80 13.12 -8.08
CA ILE C 20 26.66 13.65 -8.80
C ILE C 20 26.56 15.16 -8.58
N GLN C 21 26.23 15.89 -9.64
CA GLN C 21 26.25 17.35 -9.63
C GLN C 21 24.91 17.86 -9.08
N VAL C 22 24.86 17.97 -7.76
CA VAL C 22 23.64 18.38 -7.08
C VAL C 22 23.66 19.90 -6.86
N TYR C 23 22.76 20.60 -7.54
CA TYR C 23 22.76 22.05 -7.53
C TYR C 23 21.39 22.60 -7.12
N VAL C 24 21.37 23.89 -6.80
CA VAL C 24 20.16 24.62 -6.45
C VAL C 24 20.41 26.09 -6.75
N ARG C 25 19.46 26.76 -7.40
CA ARG C 25 19.58 28.17 -7.75
C ARG C 25 18.41 28.93 -7.15
N VAL C 26 18.70 30.10 -6.57
CA VAL C 26 17.69 30.94 -5.96
C VAL C 26 17.32 32.04 -6.94
N ARG C 27 16.03 32.27 -7.14
CA ARG C 27 15.60 33.37 -7.97
C ARG C 27 15.62 34.68 -7.18
N PRO C 28 15.80 35.82 -7.86
CA PRO C 28 15.70 37.11 -7.16
C PRO C 28 14.26 37.49 -6.84
N LEU C 29 14.07 38.57 -6.08
CA LEU C 29 12.75 39.02 -5.67
C LEU C 29 12.02 39.67 -6.84
N ASN C 30 10.70 39.55 -6.85
CA ASN C 30 9.87 40.24 -7.82
C ASN C 30 9.31 41.52 -7.21
N SER C 31 8.83 42.42 -8.08
CA SER C 31 8.30 43.69 -7.63
C SER C 31 6.96 43.51 -6.92
N ARG C 32 6.19 42.50 -7.34
CA ARG C 32 4.95 42.17 -6.63
C ARG C 32 5.26 41.51 -5.30
N GLU C 33 6.41 40.83 -5.21
CA GLU C 33 6.87 40.33 -3.92
C GLU C 33 7.37 41.46 -3.04
N ARG C 34 7.77 42.57 -3.64
CA ARG C 34 8.17 43.74 -2.85
C ARG C 34 6.98 44.61 -2.49
N CYS C 35 5.83 44.42 -3.14
CA CYS C 35 4.61 45.09 -2.71
C CYS C 35 4.13 44.53 -1.38
N ILE C 36 4.43 43.26 -1.11
CA ILE C 36 4.07 42.65 0.17
C ILE C 36 5.11 43.01 1.22
N ARG C 37 6.29 43.47 0.76
CA ARG C 37 7.45 43.85 1.57
C ARG C 37 7.91 42.68 2.44
N SER C 38 7.94 41.48 1.85
CA SER C 38 8.26 40.26 2.59
C SER C 38 9.77 40.15 2.74
N ALA C 39 10.21 39.60 3.89
CA ALA C 39 11.63 39.49 4.17
C ALA C 39 12.22 38.25 3.51
N GLU C 40 13.50 38.32 3.18
CA GLU C 40 14.19 37.20 2.57
C GLU C 40 14.52 36.14 3.62
N VAL C 41 14.74 34.91 3.15
CA VAL C 41 14.95 33.77 4.05
C VAL C 41 16.18 32.98 3.57
N VAL C 42 16.91 33.53 2.60
CA VAL C 42 18.05 32.85 2.01
C VAL C 42 19.32 33.65 2.32
N ASP C 43 20.38 32.93 2.68
CA ASP C 43 21.66 33.55 3.05
C ASP C 43 22.77 32.92 2.24
N VAL C 44 23.35 33.71 1.32
CA VAL C 44 24.40 33.27 0.42
C VAL C 44 25.75 33.38 1.12
N VAL C 45 26.52 32.30 1.11
CA VAL C 45 27.89 32.32 1.59
C VAL C 45 28.85 32.31 0.41
N GLY C 46 28.78 31.25 -0.40
CA GLY C 46 29.63 31.13 -1.55
C GLY C 46 28.92 30.44 -2.70
N PRO C 47 29.67 30.12 -3.76
CA PRO C 47 29.06 29.39 -4.88
C PRO C 47 28.80 27.93 -4.54
N ARG C 48 29.54 27.42 -3.56
CA ARG C 48 29.34 26.06 -3.05
C ARG C 48 28.15 25.96 -2.11
N GLU C 49 28.14 26.75 -1.05
CA GLU C 49 27.18 26.59 0.04
C GLU C 49 26.41 27.88 0.24
N VAL C 50 25.10 27.73 0.40
CA VAL C 50 24.19 28.85 0.66
C VAL C 50 23.24 28.42 1.77
N VAL C 51 23.26 29.17 2.86
CA VAL C 51 22.41 28.87 4.03
C VAL C 51 20.98 29.25 3.70
N THR C 52 20.06 28.38 4.09
CA THR C 52 18.62 28.60 3.89
C THR C 52 17.98 28.67 5.27
N ARG C 53 17.62 29.89 5.68
CA ARG C 53 16.99 30.09 6.99
C ARG C 53 15.59 29.51 7.00
N HIS C 54 15.06 29.31 8.21
CA HIS C 54 13.67 28.91 8.40
C HIS C 54 13.15 29.55 9.68
N THR C 55 12.08 30.34 9.55
CA THR C 55 11.50 31.07 10.66
C THR C 55 10.15 30.45 10.97
N LEU C 56 10.04 29.80 12.13
CA LEU C 56 8.81 29.13 12.52
C LEU C 56 8.60 29.24 14.02
N LYS C 59 11.95 29.31 14.82
CA LYS C 59 12.89 30.13 14.08
C LYS C 59 14.27 29.49 14.07
N LEU C 60 14.38 28.39 13.33
CA LEU C 60 15.60 27.58 13.29
C LEU C 60 16.25 27.68 11.92
N THR C 61 17.39 28.36 11.86
CA THR C 61 18.15 28.51 10.62
C THR C 61 18.86 27.19 10.34
N LYS C 62 18.49 26.55 9.23
CA LYS C 62 19.06 25.27 8.86
C LYS C 62 20.13 25.44 7.79
N LYS C 63 20.98 24.43 7.66
CA LYS C 63 22.06 24.41 6.68
C LYS C 63 21.83 23.22 5.75
N PHE C 64 22.00 23.45 4.45
CA PHE C 64 21.83 22.42 3.44
C PHE C 64 23.04 22.45 2.51
N THR C 65 23.95 21.49 2.69
CA THR C 65 25.23 21.46 1.99
C THR C 65 25.08 20.64 0.72
N PHE C 66 25.35 21.27 -0.42
CA PHE C 66 25.28 20.62 -1.72
C PHE C 66 26.59 20.83 -2.47
N ASP C 67 26.60 20.39 -3.73
CA ASP C 67 27.79 20.53 -4.56
C ASP C 67 28.04 21.99 -4.93
N ARG C 68 27.01 22.71 -5.38
CA ARG C 68 27.12 24.14 -5.61
C ARG C 68 25.74 24.78 -5.51
N SER C 69 25.69 26.03 -5.06
CA SER C 69 24.43 26.73 -4.85
C SER C 69 24.54 28.17 -5.35
N PHE C 70 23.54 28.61 -6.11
CA PHE C 70 23.52 29.95 -6.67
C PHE C 70 22.45 30.79 -5.97
N GLY C 71 22.83 32.00 -5.55
CA GLY C 71 21.94 32.85 -4.82
C GLY C 71 20.99 33.63 -5.72
N PRO C 72 20.22 34.54 -5.12
CA PRO C 72 19.26 35.32 -5.92
C PRO C 72 19.93 36.33 -6.85
N GLU C 73 21.08 36.86 -6.46
CA GLU C 73 21.81 37.82 -7.28
C GLU C 73 22.95 37.09 -8.01
N SER C 74 22.56 36.34 -9.03
CA SER C 74 23.51 35.55 -9.81
C SER C 74 23.24 35.74 -11.30
N LYS C 75 24.30 35.90 -12.06
CA LYS C 75 24.20 36.14 -13.50
C LYS C 75 23.88 34.85 -14.23
N GLN C 76 23.17 34.99 -15.35
CA GLN C 76 22.68 33.82 -16.08
C GLN C 76 23.81 33.13 -16.84
N CYS C 77 24.80 33.91 -17.28
CA CYS C 77 26.02 33.30 -17.83
C CYS C 77 26.83 32.63 -16.73
N ASP C 78 26.80 33.23 -15.53
CA ASP C 78 27.61 32.72 -14.42
C ASP C 78 27.09 31.40 -13.90
N VAL C 79 25.77 31.26 -13.81
CA VAL C 79 25.19 29.99 -13.40
C VAL C 79 25.32 28.96 -14.53
N TYR C 80 25.48 29.43 -15.76
CA TYR C 80 25.68 28.51 -16.87
C TYR C 80 27.14 28.06 -16.96
N SER C 81 28.09 29.00 -16.77
CA SER C 81 29.50 28.69 -16.94
C SER C 81 30.01 27.71 -15.90
N VAL C 82 29.47 27.77 -14.68
CA VAL C 82 29.73 26.74 -13.70
C VAL C 82 29.10 25.41 -14.11
N VAL C 83 27.96 25.44 -14.81
CA VAL C 83 27.26 24.22 -15.12
C VAL C 83 27.48 23.78 -16.57
N VAL C 84 27.02 24.57 -17.55
CA VAL C 84 26.90 24.05 -18.90
C VAL C 84 28.25 23.97 -19.60
N SER C 85 29.22 24.78 -19.16
CA SER C 85 30.54 24.82 -19.80
C SER C 85 31.46 23.65 -19.46
N PRO C 86 31.46 23.06 -18.25
CA PRO C 86 32.14 21.75 -18.13
C PRO C 86 31.33 20.60 -18.69
N LEU C 87 30.03 20.80 -18.93
CA LEU C 87 29.16 19.69 -19.31
C LEU C 87 29.19 19.45 -20.82
N ILE C 88 29.56 20.46 -21.60
CA ILE C 88 29.31 20.44 -23.04
C ILE C 88 30.29 19.52 -23.77
N GLU C 89 31.56 19.55 -23.37
CA GLU C 89 32.60 18.92 -24.18
C GLU C 89 32.62 17.42 -24.03
N GLU C 90 32.06 16.91 -22.93
CA GLU C 90 32.02 15.46 -22.75
C GLU C 90 30.98 14.81 -23.66
N VAL C 91 30.00 15.58 -24.11
CA VAL C 91 29.09 15.11 -25.14
C VAL C 91 29.84 14.88 -26.46
N LEU C 92 30.66 15.84 -26.86
CA LEU C 92 31.39 15.69 -28.11
C LEU C 92 32.60 14.76 -27.97
N ASN C 93 33.22 14.72 -26.79
CA ASN C 93 34.35 13.81 -26.56
C ASN C 93 33.81 12.45 -26.16
N GLY C 94 33.26 11.74 -27.15
CA GLY C 94 32.83 10.37 -26.96
C GLY C 94 31.56 10.16 -26.14
N TYR C 95 31.55 10.64 -24.90
CA TYR C 95 30.51 10.32 -23.95
C TYR C 95 29.26 11.13 -24.23
N ASN C 96 28.32 11.10 -23.29
CA ASN C 96 27.17 11.99 -23.32
C ASN C 96 26.94 12.55 -21.94
N CYS C 97 26.10 13.57 -21.87
CA CYS C 97 25.83 14.25 -20.61
C CYS C 97 24.38 14.66 -20.56
N THR C 98 23.87 14.83 -19.34
CA THR C 98 22.46 15.09 -19.12
C THR C 98 22.30 16.09 -17.99
N VAL C 99 21.30 16.95 -18.11
CA VAL C 99 20.93 17.90 -17.06
C VAL C 99 19.41 17.83 -16.90
N PHE C 100 18.92 18.06 -15.69
CA PHE C 100 17.49 18.09 -15.42
C PHE C 100 17.09 19.51 -15.04
N ALA C 101 15.79 19.78 -15.07
CA ALA C 101 15.24 21.06 -14.63
C ALA C 101 14.03 20.77 -13.74
N TYR C 102 14.28 20.59 -12.44
CA TYR C 102 13.20 20.30 -11.50
C TYR C 102 12.78 21.57 -10.77
N GLY C 103 11.48 21.78 -10.65
CA GLY C 103 10.95 22.93 -9.95
C GLY C 103 9.48 23.11 -10.23
N GLN C 104 8.79 23.92 -9.43
CA GLN C 104 7.38 24.18 -9.64
C GLN C 104 7.21 25.32 -10.65
N THR C 105 5.96 25.72 -10.89
CA THR C 105 5.69 26.85 -11.76
C THR C 105 6.14 28.15 -11.10
N GLY C 106 7.01 28.88 -11.79
CA GLY C 106 7.56 30.09 -11.21
C GLY C 106 8.48 30.78 -12.20
N THR C 107 8.72 32.06 -11.94
CA THR C 107 9.61 32.86 -12.78
C THR C 107 11.07 32.42 -12.68
N GLY C 108 11.46 31.77 -11.59
CA GLY C 108 12.79 31.23 -11.49
C GLY C 108 13.04 30.03 -12.39
N LYS C 109 11.98 29.33 -12.80
CA LYS C 109 12.15 28.18 -13.68
C LYS C 109 12.49 28.61 -15.10
N THR C 110 11.81 29.65 -15.60
CA THR C 110 12.03 30.11 -16.97
C THR C 110 13.38 30.79 -17.11
N HIS C 111 13.78 31.54 -16.09
CA HIS C 111 15.04 32.28 -16.14
C HIS C 111 16.24 31.34 -16.06
N THR C 112 16.06 30.13 -15.55
CA THR C 112 17.13 29.15 -15.60
C THR C 112 17.35 28.63 -17.01
N MET C 113 16.29 28.14 -17.65
CA MET C 113 16.45 27.47 -18.94
C MET C 113 16.72 28.41 -20.11
N VAL C 114 15.80 29.33 -20.40
CA VAL C 114 15.95 30.17 -21.59
C VAL C 114 16.30 31.58 -21.17
N GLY C 115 15.88 31.99 -19.98
CA GLY C 115 16.20 33.31 -19.49
C GLY C 115 15.33 34.38 -20.12
N ASN C 116 15.95 35.48 -20.53
CA ASN C 116 15.24 36.57 -21.18
C ASN C 116 15.61 36.73 -22.65
CA TRP C 125 16.87 35.72 -24.60
C TRP C 125 17.54 37.03 -25.02
N GLU C 126 18.20 37.69 -24.07
CA GLU C 126 18.64 39.07 -24.30
C GLU C 126 20.09 39.23 -23.89
N ASP C 127 20.75 40.19 -24.55
CA ASP C 127 22.08 40.73 -24.25
C ASP C 127 23.23 39.75 -24.47
N ASP C 128 22.97 38.55 -25.00
CA ASP C 128 23.94 37.51 -25.37
C ASP C 128 24.71 36.91 -24.18
N SER C 129 24.46 37.40 -22.97
CA SER C 129 25.10 36.83 -21.78
C SER C 129 24.06 36.42 -20.74
N ASP C 130 23.03 37.24 -20.57
CA ASP C 130 22.01 37.01 -19.55
C ASP C 130 20.91 36.03 -20.03
N ILE C 131 21.10 35.37 -21.17
CA ILE C 131 20.20 34.29 -21.56
C ILE C 131 20.44 33.07 -20.68
N GLY C 132 19.48 32.16 -20.68
CA GLY C 132 19.49 31.01 -19.78
C GLY C 132 20.53 29.96 -20.15
N ILE C 133 20.34 28.75 -19.60
CA ILE C 133 21.33 27.70 -19.80
C ILE C 133 21.22 27.14 -21.21
N ILE C 134 20.04 27.26 -21.81
CA ILE C 134 19.82 26.76 -23.16
C ILE C 134 20.55 27.64 -24.18
N PRO C 135 20.31 28.98 -24.31
CA PRO C 135 21.01 29.71 -25.38
C PRO C 135 22.48 29.96 -25.08
N ARG C 136 22.89 29.90 -23.81
CA ARG C 136 24.32 29.93 -23.52
C ARG C 136 24.99 28.66 -23.99
N ALA C 137 24.30 27.53 -23.89
CA ALA C 137 24.78 26.31 -24.52
C ALA C 137 24.73 26.44 -26.04
N LEU C 138 23.60 26.92 -26.58
CA LEU C 138 23.45 27.10 -28.03
C LEU C 138 24.45 28.09 -28.60
N SER C 139 24.90 29.05 -27.80
CA SER C 139 26.09 29.80 -28.14
C SER C 139 27.29 28.86 -28.23
N HIS C 140 27.53 28.10 -27.15
CA HIS C 140 28.75 27.31 -27.05
C HIS C 140 28.73 26.09 -27.96
N LEU C 141 27.55 25.65 -28.42
CA LEU C 141 27.52 24.70 -29.53
C LEU C 141 28.08 25.34 -30.80
N PHE C 142 27.49 26.46 -31.21
CA PHE C 142 27.93 27.12 -32.43
C PHE C 142 29.27 27.82 -32.24
N ASP C 143 29.70 28.02 -31.00
CA ASP C 143 31.10 28.35 -30.76
C ASP C 143 32.01 27.20 -31.12
N GLU C 144 31.58 25.96 -30.92
CA GLU C 144 32.40 24.81 -31.26
C GLU C 144 32.38 24.50 -32.76
N LEU C 145 31.27 24.82 -33.45
CA LEU C 145 31.19 24.64 -34.89
C LEU C 145 32.20 25.51 -35.63
N ARG C 146 32.46 26.71 -35.12
CA ARG C 146 33.48 27.57 -35.70
C ARG C 146 34.86 27.33 -35.09
N MET C 147 34.95 26.66 -33.94
CA MET C 147 36.22 26.44 -33.27
C MET C 147 37.07 25.41 -34.03
N MET C 148 36.56 24.18 -34.13
CA MET C 148 37.15 23.16 -34.97
C MET C 148 36.13 22.77 -36.02
N GLU C 149 36.61 22.16 -37.11
CA GLU C 149 35.78 21.90 -38.27
C GLU C 149 35.69 20.40 -38.51
N VAL C 150 34.56 19.81 -38.15
CA VAL C 150 34.24 18.42 -38.47
C VAL C 150 32.86 18.40 -39.11
N GLU C 151 32.35 17.20 -39.36
CA GLU C 151 31.03 17.01 -39.95
C GLU C 151 29.94 17.19 -38.90
N TYR C 152 29.64 18.44 -38.59
CA TYR C 152 28.59 18.75 -37.62
C TYR C 152 27.22 18.52 -38.24
N THR C 153 26.43 17.64 -37.63
CA THR C 153 25.05 17.40 -38.06
C THR C 153 24.16 17.46 -36.82
N MET C 154 23.43 18.56 -36.66
CA MET C 154 22.69 18.85 -35.44
C MET C 154 21.21 18.60 -35.64
N ARG C 155 20.78 17.36 -35.38
CA ARG C 155 19.38 16.99 -35.46
C ARG C 155 18.82 17.00 -34.04
N ILE C 156 17.57 17.45 -33.89
CA ILE C 156 17.00 17.70 -32.58
C ILE C 156 15.54 17.27 -32.55
N SER C 157 15.19 16.47 -31.55
CA SER C 157 13.81 16.14 -31.23
C SER C 157 13.46 16.78 -29.88
N TYR C 158 12.16 16.86 -29.57
CA TYR C 158 11.68 17.53 -28.37
C TYR C 158 10.34 16.91 -27.99
N LEU C 159 10.34 16.08 -26.96
CA LEU C 159 9.19 15.25 -26.62
C LEU C 159 8.88 15.37 -25.13
N GLU C 160 7.60 15.31 -24.81
CA GLU C 160 7.13 15.43 -23.44
C GLU C 160 6.59 14.09 -22.96
N LEU C 161 6.26 14.03 -21.67
CA LEU C 161 5.47 12.93 -21.12
C LEU C 161 4.18 13.55 -20.59
N TYR C 162 3.13 13.51 -21.41
CA TYR C 162 1.80 13.92 -21.00
C TYR C 162 0.90 12.70 -20.92
N ASN C 163 0.43 12.41 -19.70
CA ASN C 163 -0.50 11.31 -19.41
C ASN C 163 0.10 9.98 -19.86
N GLU C 164 1.28 9.67 -19.30
CA GLU C 164 2.09 8.45 -19.48
C GLU C 164 2.37 8.07 -20.93
N GLU C 165 2.23 8.99 -21.86
CA GLU C 165 2.61 8.74 -23.25
C GLU C 165 3.58 9.83 -23.72
N LEU C 166 4.54 9.41 -24.54
CA LEU C 166 5.57 10.29 -25.10
C LEU C 166 5.01 11.00 -26.32
N CYS C 167 4.70 12.29 -26.17
CA CYS C 167 4.07 13.09 -27.22
C CYS C 167 5.13 13.84 -28.01
N ASP C 168 5.07 13.72 -29.33
CA ASP C 168 5.94 14.51 -30.20
C ASP C 168 5.42 15.94 -30.20
N LEU C 169 6.14 16.83 -29.50
CA LEU C 169 5.72 18.22 -29.39
C LEU C 169 5.91 18.96 -30.71
N LEU C 170 6.78 18.44 -31.58
CA LEU C 170 7.01 19.05 -32.86
C LEU C 170 5.92 18.72 -33.87
N SER C 171 5.56 17.43 -33.99
CA SER C 171 4.41 17.04 -34.80
C SER C 171 3.84 15.71 -34.34
N THR C 172 2.70 15.75 -33.65
CA THR C 172 2.03 14.53 -33.20
C THR C 172 0.99 14.14 -34.26
N ASP C 173 1.44 13.38 -35.24
CA ASP C 173 0.57 12.90 -36.31
C ASP C 173 0.56 11.38 -36.40
N THR C 176 0.95 7.50 -34.19
CA THR C 176 0.19 6.92 -33.08
C THR C 176 1.07 6.74 -31.85
N LYS C 177 2.26 6.15 -31.98
CA LYS C 177 3.07 5.80 -30.82
C LYS C 177 4.49 6.33 -30.95
N ILE C 178 5.16 6.43 -29.80
CA ILE C 178 6.58 6.73 -29.73
C ILE C 178 7.31 5.44 -29.37
N ARG C 179 8.10 4.92 -30.29
CA ARG C 179 8.66 3.58 -30.18
C ARG C 179 10.15 3.62 -29.88
N ILE C 180 10.57 2.85 -28.89
CA ILE C 180 11.95 2.85 -28.43
C ILE C 180 12.74 1.74 -29.12
N PHE C 181 13.93 2.09 -29.59
CA PHE C 181 14.79 1.13 -30.27
C PHE C 181 16.08 0.91 -29.49
N ASP C 182 16.37 -0.36 -29.17
CA ASP C 182 17.57 -0.70 -28.42
C ASP C 182 18.53 -1.51 -29.28
N LYS C 186 22.15 -3.18 -29.00
CA LYS C 186 23.32 -4.02 -28.79
C LYS C 186 24.10 -3.85 -27.50
N LYS C 187 23.99 -2.72 -26.77
CA LYS C 187 24.24 -2.78 -25.34
C LYS C 187 23.34 -1.87 -24.49
N GLY C 188 23.19 -0.59 -24.82
CA GLY C 188 22.36 0.29 -24.02
C GLY C 188 21.77 1.45 -24.78
N SER C 189 22.08 1.56 -26.06
CA SER C 189 21.81 2.80 -26.79
C SER C 189 20.36 2.82 -27.25
N VAL C 190 19.58 3.78 -26.73
CA VAL C 190 18.15 3.83 -26.97
C VAL C 190 17.86 4.91 -28.01
N ILE C 191 17.19 4.51 -29.10
CA ILE C 191 16.71 5.44 -30.11
C ILE C 191 15.19 5.47 -30.02
N ILE C 192 14.62 6.63 -30.34
CA ILE C 192 13.18 6.83 -30.30
C ILE C 192 12.66 6.87 -31.73
N GLN C 193 11.62 6.08 -32.00
CA GLN C 193 10.90 6.15 -33.26
C GLN C 193 9.60 6.90 -33.04
N GLY C 194 9.17 7.66 -34.05
CA GLY C 194 8.04 8.53 -33.94
C GLY C 194 8.40 9.95 -33.58
N LEU C 195 9.61 10.15 -33.06
CA LEU C 195 10.11 11.50 -32.83
C LEU C 195 10.48 12.15 -34.15
N GLU C 196 10.61 13.47 -34.15
CA GLU C 196 10.85 14.23 -35.38
C GLU C 196 12.17 14.96 -35.22
N GLU C 197 13.27 14.29 -35.54
CA GLU C 197 14.58 14.92 -35.45
C GLU C 197 14.74 15.93 -36.58
N ILE C 198 14.99 17.19 -36.23
CA ILE C 198 15.10 18.24 -37.22
C ILE C 198 16.54 18.69 -37.34
N PRO C 199 17.21 18.44 -38.47
CA PRO C 199 18.60 18.86 -38.62
C PRO C 199 18.72 20.36 -38.87
N VAL C 200 18.72 21.14 -37.79
CA VAL C 200 18.83 22.58 -37.87
C VAL C 200 20.26 23.01 -37.57
N HIS C 201 20.67 24.18 -38.08
CA HIS C 201 22.04 24.63 -37.91
C HIS C 201 22.11 26.14 -37.66
N SER C 202 21.10 26.71 -37.02
CA SER C 202 21.23 28.09 -36.52
C SER C 202 20.54 28.15 -35.17
N LYS C 203 20.98 29.12 -34.35
CA LYS C 203 20.58 29.21 -32.96
C LYS C 203 19.10 29.55 -32.79
N ASP C 204 18.56 30.36 -33.69
CA ASP C 204 17.17 30.81 -33.53
C ASP C 204 16.18 29.73 -33.96
N ASP C 205 16.67 28.66 -34.60
CA ASP C 205 15.78 27.62 -35.12
C ASP C 205 15.04 26.89 -34.01
N VAL C 206 15.76 26.37 -33.03
CA VAL C 206 15.12 25.68 -31.92
C VAL C 206 14.48 26.68 -30.98
N TYR C 207 14.89 27.95 -31.07
CA TYR C 207 14.19 29.01 -30.37
C TYR C 207 12.78 29.18 -30.91
N LYS C 208 12.59 28.95 -32.21
CA LYS C 208 11.24 28.88 -32.76
C LYS C 208 10.57 27.56 -32.39
N LEU C 209 11.36 26.48 -32.33
CA LEU C 209 10.78 25.16 -32.11
C LEU C 209 10.26 25.01 -30.68
N LEU C 210 10.91 25.67 -29.73
CA LEU C 210 10.41 25.66 -28.36
C LEU C 210 9.11 26.43 -28.25
N GLU C 211 8.97 27.51 -29.03
CA GLU C 211 7.68 28.16 -29.17
C GLU C 211 6.68 27.25 -29.86
N LYS C 212 7.15 26.46 -30.83
CA LYS C 212 6.31 25.44 -31.44
C LYS C 212 6.09 24.29 -30.47
N GLY C 213 6.98 24.12 -29.50
CA GLY C 213 6.79 23.08 -28.51
C GLY C 213 5.73 23.44 -27.49
N LYS C 214 5.68 24.71 -27.08
CA LYS C 214 4.79 25.11 -26.01
C LYS C 214 3.34 25.23 -26.48
N GLU C 215 3.13 25.50 -27.77
CA GLU C 215 1.77 25.69 -28.26
C GLU C 215 1.01 24.37 -28.32
N ARG C 216 1.70 23.28 -28.65
CA ARG C 216 1.07 21.97 -28.66
C ARG C 216 1.20 21.24 -27.33
N ARG C 217 1.97 21.78 -26.39
CA ARG C 217 2.07 21.17 -25.08
C ARG C 217 0.79 21.38 -24.30
N LYS C 218 0.30 20.31 -23.68
CA LYS C 218 -1.00 20.33 -23.02
C LYS C 218 -0.90 21.06 -21.68
N THR C 219 -1.75 22.07 -21.50
CA THR C 219 -1.91 22.75 -20.22
C THR C 219 -3.30 22.48 -19.68
N ALA C 220 -3.48 22.69 -18.38
CA ALA C 220 -4.76 22.47 -17.72
C ALA C 220 -5.18 23.76 -17.02
N THR C 221 -6.29 24.34 -17.46
CA THR C 221 -6.80 25.57 -16.87
C THR C 221 -7.28 25.35 -15.44
N THR C 222 -6.98 26.31 -14.56
CA THR C 222 -7.37 26.21 -13.17
C THR C 222 -7.48 27.60 -12.53
N LEU C 223 -8.16 27.67 -11.39
CA LEU C 223 -8.32 28.94 -10.68
C LEU C 223 -6.93 29.41 -10.27
N MET C 224 -6.09 28.47 -9.87
CA MET C 224 -4.73 28.77 -9.47
C MET C 224 -3.78 28.09 -10.45
N ASN C 225 -2.79 28.84 -10.95
CA ASN C 225 -1.84 28.26 -11.89
C ASN C 225 -2.51 27.63 -13.11
N ALA C 226 -3.36 28.39 -13.80
CA ALA C 226 -4.06 27.86 -14.96
C ALA C 226 -3.01 27.39 -15.98
N GLN C 227 -1.97 28.19 -16.17
CA GLN C 227 -0.88 27.78 -17.05
C GLN C 227 -0.20 26.53 -16.54
N SER C 228 -0.95 25.64 -15.90
CA SER C 228 -0.40 24.41 -15.34
C SER C 228 -0.18 23.41 -16.47
N SER C 229 0.89 23.62 -17.22
CA SER C 229 1.31 22.69 -18.27
C SER C 229 2.35 21.78 -17.63
N ARG C 230 1.88 20.86 -16.80
CA ARG C 230 2.73 20.04 -15.94
C ARG C 230 3.08 18.75 -16.67
N SER C 231 4.31 18.64 -17.14
CA SER C 231 4.75 17.44 -17.82
C SER C 231 6.26 17.33 -17.70
N HIS C 232 6.74 16.16 -17.33
CA HIS C 232 8.15 15.86 -17.50
C HIS C 232 8.44 15.77 -18.99
N THR C 233 9.49 16.43 -19.44
CA THR C 233 9.71 16.70 -20.86
C THR C 233 11.20 16.64 -21.16
N VAL C 234 11.58 15.91 -22.19
CA VAL C 234 12.97 15.79 -22.62
C VAL C 234 13.15 16.73 -23.82
N PHE C 235 14.37 17.24 -23.98
CA PHE C 235 14.76 17.99 -25.17
C PHE C 235 16.13 17.49 -25.62
N SER C 236 16.17 16.89 -26.80
CA SER C 236 17.31 16.09 -27.22
C SER C 236 18.12 16.86 -28.25
N ILE C 237 19.43 16.96 -28.01
CA ILE C 237 20.36 17.52 -28.98
C ILE C 237 21.40 16.46 -29.33
N VAL C 238 21.17 15.73 -30.41
CA VAL C 238 22.16 14.77 -30.87
C VAL C 238 22.93 15.37 -32.04
N VAL C 239 24.25 15.43 -31.91
CA VAL C 239 25.13 16.00 -32.91
C VAL C 239 26.17 14.94 -33.24
N HIS C 240 26.09 14.36 -34.42
CA HIS C 240 27.17 13.53 -34.95
C HIS C 240 28.26 14.48 -35.43
N ILE C 241 29.51 14.17 -35.11
CA ILE C 241 30.64 15.03 -35.42
C ILE C 241 31.72 14.22 -36.14
N ARG C 242 31.28 13.25 -36.95
CA ARG C 242 32.14 12.26 -37.61
C ARG C 242 33.23 12.86 -38.49
N GLU C 243 34.22 12.03 -38.84
CA GLU C 243 35.31 12.47 -39.69
C GLU C 243 35.33 11.68 -41.00
N MET C 251 36.15 8.75 -39.60
CA MET C 251 35.55 7.81 -38.67
C MET C 251 34.13 8.21 -38.31
N LEU C 252 33.64 7.71 -37.19
CA LEU C 252 32.29 8.00 -36.71
C LEU C 252 32.40 8.58 -35.30
N LYS C 253 31.90 9.80 -35.12
CA LYS C 253 31.94 10.49 -33.84
C LYS C 253 30.57 11.08 -33.56
N ILE C 254 29.95 10.65 -32.46
CA ILE C 254 28.58 10.99 -32.12
C ILE C 254 28.58 11.75 -30.79
N GLY C 255 27.66 12.69 -30.66
CA GLY C 255 27.45 13.39 -29.41
C GLY C 255 25.99 13.71 -29.15
N LYS C 256 25.47 13.28 -28.01
CA LYS C 256 24.06 13.44 -27.67
C LYS C 256 23.94 14.28 -26.39
N LEU C 257 23.08 15.29 -26.43
CA LEU C 257 22.81 16.13 -25.27
C LEU C 257 21.31 16.09 -24.99
N ASN C 258 20.95 15.97 -23.72
CA ASN C 258 19.56 15.81 -23.30
C ASN C 258 19.21 16.92 -22.33
N LEU C 259 18.07 17.57 -22.57
CA LEU C 259 17.59 18.66 -21.70
C LEU C 259 16.26 18.23 -21.10
N VAL C 260 16.31 17.87 -19.81
CA VAL C 260 15.14 17.34 -19.14
C VAL C 260 14.41 18.46 -18.42
N ASP C 261 13.11 18.59 -18.70
CA ASP C 261 12.26 19.59 -18.06
C ASP C 261 11.34 18.83 -17.10
N LEU C 262 11.79 18.69 -15.86
CA LEU C 262 11.00 18.00 -14.86
C LEU C 262 9.89 18.89 -14.32
N ALA C 263 8.73 18.30 -14.07
CA ALA C 263 7.65 19.01 -13.41
C ALA C 263 7.86 18.96 -11.90
N GLY C 264 7.20 19.86 -11.18
CA GLY C 264 7.32 19.96 -9.74
C GLY C 264 6.42 18.95 -9.07
N SER C 265 6.89 18.41 -7.95
CA SER C 265 6.08 17.48 -7.18
C SER C 265 4.98 18.23 -6.45
N GLU C 266 3.75 17.74 -6.59
CA GLU C 266 2.59 18.42 -6.04
C GLU C 266 1.85 17.48 -5.11
N ASN C 267 0.90 18.04 -4.37
CA ASN C 267 0.02 17.29 -3.50
C ASN C 267 -1.38 17.39 -4.08
N VAL C 268 -2.12 16.29 -4.02
CA VAL C 268 -3.47 16.21 -4.56
C VAL C 268 -4.45 16.90 -3.62
N SER C 269 -4.06 17.09 -2.36
CA SER C 269 -4.93 17.76 -1.41
C SER C 269 -4.87 19.27 -1.60
N LYS C 270 -3.66 19.82 -1.83
CA LYS C 270 -3.50 21.25 -2.01
C LYS C 270 -4.02 21.70 -3.37
N ALA C 271 -4.12 20.76 -4.30
CA ALA C 271 -4.61 21.07 -5.64
C ALA C 271 -6.10 21.39 -5.63
N GLY C 272 -6.86 20.60 -4.87
CA GLY C 272 -8.29 20.77 -4.77
C GLY C 272 -9.03 20.69 -6.10
N ASN C 273 -8.60 19.77 -6.95
CA ASN C 273 -9.20 19.59 -8.26
C ASN C 273 -9.82 18.20 -8.40
N GLU C 274 -11.07 18.15 -8.83
CA GLU C 274 -11.78 16.89 -9.01
C GLU C 274 -11.44 16.25 -10.35
N ILE C 277 -9.61 14.70 -13.11
CA ILE C 277 -8.78 14.67 -14.30
C ILE C 277 -7.37 15.17 -14.01
N ARG C 278 -7.28 16.17 -13.13
CA ARG C 278 -5.99 16.75 -12.76
C ARG C 278 -5.23 15.82 -11.82
N VAL C 279 -5.96 14.95 -11.11
CA VAL C 279 -5.33 14.04 -10.17
C VAL C 279 -4.58 12.94 -10.91
N ARG C 280 -5.16 12.46 -12.03
CA ARG C 280 -4.48 11.48 -12.86
C ARG C 280 -3.21 12.06 -13.46
N GLU C 281 -3.21 13.34 -13.76
CA GLU C 281 -1.98 14.03 -14.08
C GLU C 281 -1.03 14.05 -12.89
N THR C 282 -1.57 14.35 -11.70
CA THR C 282 -0.74 14.64 -10.54
C THR C 282 -0.06 13.39 -10.01
N VAL C 283 -0.82 12.30 -9.83
CA VAL C 283 -0.27 11.11 -9.21
C VAL C 283 0.67 10.38 -10.16
N ASN C 284 0.55 10.64 -11.46
CA ASN C 284 1.49 10.05 -12.39
C ASN C 284 2.74 10.91 -12.51
N ILE C 285 2.63 12.19 -12.15
CA ILE C 285 3.82 13.04 -12.11
C ILE C 285 4.71 12.63 -10.94
N ASN C 286 4.11 12.49 -9.75
CA ASN C 286 4.89 12.24 -8.55
C ASN C 286 5.48 10.84 -8.54
N GLN C 287 4.74 9.88 -9.08
CA GLN C 287 5.23 8.50 -9.12
C GLN C 287 6.37 8.36 -10.12
N SER C 288 6.34 9.15 -11.19
CA SER C 288 7.44 9.15 -12.14
C SER C 288 8.69 9.77 -11.53
N LEU C 289 8.52 10.77 -10.67
CA LEU C 289 9.66 11.41 -10.02
C LEU C 289 10.33 10.47 -9.05
N LEU C 290 9.56 9.68 -8.32
CA LEU C 290 10.11 8.84 -7.28
C LEU C 290 10.84 7.64 -7.87
N THR C 291 10.31 7.09 -8.96
CA THR C 291 11.04 6.08 -9.72
C THR C 291 12.34 6.66 -10.28
N LEU C 292 12.29 7.91 -10.73
CA LEU C 292 13.50 8.62 -11.07
C LEU C 292 14.31 8.92 -9.81
N GLY C 293 13.63 9.17 -8.70
CA GLY C 293 14.34 9.36 -7.44
C GLY C 293 14.89 8.06 -6.89
N ARG C 294 14.31 6.94 -7.30
CA ARG C 294 14.82 5.66 -6.84
C ARG C 294 16.13 5.29 -7.53
N VAL C 295 16.21 5.55 -8.83
CA VAL C 295 17.31 5.00 -9.62
C VAL C 295 18.59 5.78 -9.38
N ILE C 296 18.48 7.06 -9.02
CA ILE C 296 19.68 7.83 -8.68
C ILE C 296 20.26 7.33 -7.36
N THR C 297 19.39 6.94 -6.43
CA THR C 297 19.88 6.26 -5.23
C THR C 297 20.42 4.88 -5.55
N ALA C 298 19.90 4.26 -6.62
CA ALA C 298 20.47 3.01 -7.11
C ALA C 298 21.76 3.24 -7.89
N LEU C 299 22.10 4.48 -8.21
CA LEU C 299 23.39 4.76 -8.84
C LEU C 299 24.49 4.97 -7.82
N VAL C 300 24.24 5.76 -6.77
CA VAL C 300 25.31 6.25 -5.93
C VAL C 300 25.81 5.18 -4.97
N ASP C 301 25.05 4.11 -4.77
CA ASP C 301 25.45 3.04 -3.86
C ASP C 301 26.24 1.95 -4.57
N ARG C 302 26.66 2.22 -5.81
CA ARG C 302 27.16 1.25 -6.81
C ARG C 302 26.42 -0.09 -6.74
N ALA C 303 25.10 -0.01 -6.85
CA ALA C 303 24.25 -1.19 -6.89
C ALA C 303 24.48 -1.95 -8.20
N PRO C 304 24.44 -3.29 -8.15
CA PRO C 304 24.73 -4.09 -9.35
C PRO C 304 23.71 -3.90 -10.46
N HIS C 305 22.43 -4.12 -10.16
CA HIS C 305 21.38 -3.94 -11.16
C HIS C 305 20.61 -2.65 -10.86
N VAL C 306 20.82 -1.64 -11.70
CA VAL C 306 20.01 -0.44 -11.64
C VAL C 306 18.75 -0.72 -12.44
N PRO C 307 17.56 -0.53 -11.86
CA PRO C 307 16.33 -0.80 -12.62
C PRO C 307 16.04 0.35 -13.57
N TYR C 308 15.45 0.04 -14.72
CA TYR C 308 15.14 1.09 -15.68
C TYR C 308 13.72 1.03 -16.22
N ARG C 309 13.18 -0.19 -16.39
CA ARG C 309 11.97 -0.35 -17.18
C ARG C 309 10.71 0.08 -16.45
N GLU C 310 10.82 0.38 -15.15
CA GLU C 310 9.68 0.68 -14.30
C GLU C 310 9.05 2.02 -14.65
N SER C 311 9.85 3.01 -15.02
CA SER C 311 9.32 4.26 -15.52
C SER C 311 9.74 4.47 -16.96
N LYS C 312 8.87 5.14 -17.72
CA LYS C 312 9.11 5.29 -19.15
C LYS C 312 10.27 6.25 -19.44
N LEU C 313 10.45 7.25 -18.58
CA LEU C 313 11.50 8.24 -18.79
C LEU C 313 12.89 7.62 -18.68
N THR C 314 13.17 6.99 -17.55
CA THR C 314 14.49 6.40 -17.37
C THR C 314 14.67 5.15 -18.22
N ARG C 315 13.58 4.54 -18.70
CA ARG C 315 13.70 3.54 -19.74
C ARG C 315 14.08 4.20 -21.06
N LEU C 316 13.49 5.37 -21.34
CA LEU C 316 13.87 6.11 -22.55
C LEU C 316 15.20 6.83 -22.36
N LEU C 317 15.66 6.96 -21.12
CA LEU C 317 16.91 7.67 -20.83
C LEU C 317 17.86 6.81 -20.00
N GLN C 318 18.06 5.54 -20.41
CA GLN C 318 18.86 4.58 -19.67
C GLN C 318 20.33 4.97 -19.58
N GLU C 319 21.00 5.03 -20.74
CA GLU C 319 22.44 5.23 -20.78
C GLU C 319 22.83 6.66 -20.48
N SER C 320 21.88 7.59 -20.52
CA SER C 320 22.20 9.00 -20.33
C SER C 320 22.52 9.32 -18.88
N LEU C 321 21.92 8.59 -17.95
CA LEU C 321 22.17 8.85 -16.54
C LEU C 321 23.15 7.84 -15.94
N GLY C 322 23.09 6.61 -16.45
CA GLY C 322 23.89 5.47 -16.04
C GLY C 322 25.39 5.33 -16.24
N GLY C 323 25.88 5.79 -17.38
CA GLY C 323 27.29 5.65 -17.76
C GLY C 323 28.28 6.64 -17.21
N ARG C 324 29.49 6.64 -17.79
CA ARG C 324 30.54 7.54 -17.34
C ARG C 324 30.12 8.85 -17.94
N THR C 325 29.03 9.32 -17.35
CA THR C 325 28.30 10.54 -17.68
C THR C 325 28.24 11.43 -16.46
N LYS C 326 27.83 12.67 -16.65
CA LYS C 326 27.81 13.65 -15.56
C LYS C 326 26.44 14.28 -15.47
N THR C 327 25.73 13.97 -14.38
CA THR C 327 24.30 14.27 -14.25
C THR C 327 24.12 15.45 -13.31
N SER C 328 23.61 16.55 -13.85
CA SER C 328 23.37 17.75 -13.06
C SER C 328 21.88 17.89 -12.77
N ILE C 329 21.51 17.83 -11.50
CA ILE C 329 20.12 18.04 -11.08
C ILE C 329 19.97 19.49 -10.61
N ILE C 330 18.92 20.14 -11.09
CA ILE C 330 18.69 21.56 -10.85
C ILE C 330 17.38 21.69 -10.07
N ALA C 331 17.43 22.43 -8.96
CA ALA C 331 16.24 22.78 -8.21
C ALA C 331 16.12 24.30 -8.14
N THR C 332 15.07 24.84 -8.76
CA THR C 332 14.80 26.27 -8.73
C THR C 332 13.92 26.57 -7.52
N ILE C 333 13.98 27.82 -7.04
CA ILE C 333 13.24 28.22 -5.85
C ILE C 333 13.01 29.72 -5.90
N SER C 334 11.97 30.17 -5.19
CA SER C 334 11.72 31.58 -4.98
C SER C 334 11.70 31.84 -3.48
N PRO C 335 12.40 32.88 -3.02
CA PRO C 335 12.50 33.11 -1.57
C PRO C 335 11.27 33.78 -0.97
N GLY C 336 11.33 34.09 0.32
CA GLY C 336 10.21 34.71 1.01
C GLY C 336 9.58 33.82 2.05
N HIS C 337 8.26 33.90 2.19
CA HIS C 337 7.56 33.03 3.14
C HIS C 337 6.43 32.25 2.50
N LYS C 338 6.25 32.31 1.18
CA LYS C 338 5.10 31.69 0.55
C LYS C 338 5.26 30.19 0.37
N ASP C 339 6.24 29.78 -0.44
CA ASP C 339 6.45 28.37 -0.77
C ASP C 339 7.46 27.74 0.18
N ILE C 340 7.24 27.85 1.48
CA ILE C 340 8.20 27.35 2.47
C ILE C 340 8.19 25.83 2.50
N GLU C 341 6.98 25.24 2.56
CA GLU C 341 6.86 23.79 2.50
C GLU C 341 7.24 23.26 1.12
N GLU C 342 7.13 24.09 0.08
CA GLU C 342 7.64 23.71 -1.23
C GLU C 342 9.15 23.84 -1.27
N THR C 343 9.72 24.73 -0.46
CA THR C 343 11.18 24.89 -0.43
C THR C 343 11.85 23.70 0.23
N LEU C 344 11.36 23.31 1.41
CA LEU C 344 12.03 22.26 2.19
C LEU C 344 11.88 20.90 1.55
N SER C 345 10.83 20.72 0.74
CA SER C 345 10.64 19.45 0.05
C SER C 345 11.66 19.27 -1.07
N THR C 346 12.10 20.38 -1.67
CA THR C 346 13.11 20.30 -2.73
C THR C 346 14.47 19.91 -2.16
N LEU C 347 14.73 20.25 -0.90
CA LEU C 347 16.03 19.94 -0.30
C LEU C 347 16.14 18.45 0.03
N GLU C 348 15.02 17.80 0.34
CA GLU C 348 15.02 16.36 0.53
C GLU C 348 15.29 15.64 -0.79
N TYR C 349 14.82 16.20 -1.90
CA TYR C 349 15.17 15.66 -3.21
C TYR C 349 16.60 15.98 -3.58
N ALA C 350 17.21 16.97 -2.92
CA ALA C 350 18.58 17.38 -3.21
C ALA C 350 19.59 16.79 -2.23
N HIS C 351 19.14 16.18 -1.15
CA HIS C 351 20.06 15.72 -0.12
C HIS C 351 20.54 14.30 -0.41
N ARG C 352 21.86 14.13 -0.43
CA ARG C 352 22.48 12.83 -0.70
C ARG C 352 23.30 12.39 0.51
N ALA C 353 23.39 11.08 0.70
CA ALA C 353 24.15 10.50 1.79
C ALA C 353 25.57 10.21 1.32
N LYS C 354 26.56 10.67 2.08
CA LYS C 354 27.96 10.50 1.73
C LYS C 354 28.72 9.95 2.93
N ASN C 355 29.89 9.38 2.66
CA ASN C 355 30.74 8.85 3.71
C ASN C 355 31.47 10.04 4.33
PG GTP D . -9.57 -1.72 7.82
O1G GTP D . -9.53 -1.14 6.43
O2G GTP D . -10.99 -2.00 8.20
O3G GTP D . -8.96 -0.74 8.79
O3B GTP D . -8.70 -3.06 7.80
PB GTP D . -7.11 -2.88 7.80
O1B GTP D . -6.76 -1.72 6.91
O2B GTP D . -6.39 -4.14 7.38
O3A GTP D . -6.81 -2.47 9.32
PA GTP D . -7.03 -3.45 10.57
O1A GTP D . -6.75 -4.87 10.16
O2A GTP D . -8.41 -3.28 11.15
O5' GTP D . -5.88 -2.96 11.56
C5' GTP D . -4.70 -3.72 11.67
C4' GTP D . -4.71 -4.43 13.01
O4' GTP D . -6.03 -4.52 13.53
C3' GTP D . -4.26 -5.87 12.90
O3' GTP D . -2.89 -5.96 13.20
C2' GTP D . -5.08 -6.61 13.93
O2' GTP D . -4.26 -7.05 14.97
C1' GTP D . -6.07 -5.59 14.44
N9 GTP D . -7.40 -6.20 14.48
C8 GTP D . -8.22 -6.45 13.42
N7 GTP D . -9.35 -7.01 13.89
C5 GTP D . -9.27 -7.11 15.22
C6 GTP D . -10.13 -7.61 16.18
O6 GTP D . -11.22 -8.06 15.84
N1 GTP D . -9.77 -7.60 17.51
C2 GTP D . -8.56 -7.08 17.86
N2 GTP D . -8.20 -7.05 19.14
N3 GTP D . -7.70 -6.59 16.91
C4 GTP D . -8.04 -6.60 15.61
MG MG E . -10.60 -3.87 7.30
PB GDP F . -3.84 -22.50 -27.38
O1B GDP F . -4.45 -21.40 -26.57
O2B GDP F . -4.86 -23.56 -27.66
O3B GDP F . -3.34 -21.93 -28.69
O3A GDP F . -2.63 -23.10 -26.54
PA GDP F . -2.95 -24.05 -25.30
O1A GDP F . -4.08 -23.48 -24.48
O2A GDP F . -3.30 -25.44 -25.76
O5' GDP F . -1.58 -24.04 -24.48
C5' GDP F . -0.88 -25.27 -24.33
C4' GDP F . -0.57 -25.47 -22.87
O4' GDP F . -1.80 -25.49 -22.13
C3' GDP F . 0.10 -26.82 -22.64
O3' GDP F . 1.43 -26.62 -22.19
C2' GDP F . -0.72 -27.51 -21.57
O2' GDP F . 0.11 -27.86 -20.46
C1' GDP F . -1.77 -26.52 -21.14
N9 GDP F . -3.09 -27.18 -21.09
C8 GDP F . -3.87 -27.43 -22.15
N7 GDP F . -5.00 -28.06 -21.77
C5 GDP F . -4.95 -28.23 -20.44
C6 GDP F . -5.82 -28.82 -19.42
O6 GDP F . -6.91 -29.33 -19.73
N1 GDP F . -5.41 -28.81 -18.16
C2 GDP F . -4.23 -28.26 -17.80
N2 GDP F . -3.89 -28.28 -16.48
N3 GDP F . -3.38 -27.69 -18.68
C4 GDP F . -3.67 -27.65 -20.00
#